data_4W4Z
#
_entry.id   4W4Z
#
_cell.length_a   37.220
_cell.length_b   127.190
_cell.length_c   84.599
_cell.angle_alpha   90.000
_cell.angle_beta   90.000
_cell.angle_gamma   90.000
#
_symmetry.space_group_name_H-M   'P 1 21 1'
#
loop_
_entity.id
_entity.type
_entity.pdbx_description
1 polymer 'Ephrin type-A receptor 4'
2 polymer 'APY-bAla8.am peptide'
3 non-polymer HEXANE-1,6-DIOL
4 non-polymer GLYCEROL
5 water water
#
loop_
_entity_poly.entity_id
_entity_poly.type
_entity_poly.pdbx_seq_one_letter_code
_entity_poly.pdbx_strand_id
1 'polypeptide(L)'
;GPGNEVTLLDSRSVQGELGWIASPLEGGWEEVSIMDEKNTPIRTYQVCNVMEPSQNNWLRTDWITREGAQRVYIEIKFTL
RDCNSLPGVMGTCKETFNLYYYESDNDKERFIRENQFVKIDTIAADESFTQVDIGDRIMKLNTEIRDVGPLSKKGFYLAF
QDVGACIALVSVRVFYKKA
;
A,B,C,D
2 'polypeptide(L)' APYCVYR(BAL)SWSC(NH2) E,F,G,H
#
loop_
_chem_comp.id
_chem_comp.type
_chem_comp.name
_chem_comp.formula
BAL peptide-like BETA-ALANINE 'C3 H7 N O2'
GOL non-polymer GLYCEROL 'C3 H8 O3'
HEZ non-polymer HEXANE-1,6-DIOL 'C6 H14 O2'
NH2 non-polymer 'AMINO GROUP' 'H2 N'
#
# COMPACT_ATOMS: atom_id res chain seq x y z
N GLY A 3 -17.40 12.70 2.68
CA GLY A 3 -16.38 13.77 2.80
C GLY A 3 -15.04 13.38 2.21
N ASN A 4 -14.44 12.33 2.76
CA ASN A 4 -13.13 11.89 2.33
C ASN A 4 -13.20 10.61 1.50
N GLU A 5 -14.39 10.26 1.04
CA GLU A 5 -14.55 9.04 0.24
C GLU A 5 -14.52 9.40 -1.22
N VAL A 6 -13.79 8.61 -1.99
CA VAL A 6 -13.71 8.77 -3.43
C VAL A 6 -14.19 7.47 -4.04
N THR A 7 -15.26 7.54 -4.81
CA THR A 7 -15.86 6.35 -5.39
C THR A 7 -15.12 5.88 -6.65
N LEU A 8 -14.65 4.63 -6.63
CA LEU A 8 -13.98 4.01 -7.77
C LEU A 8 -14.90 3.18 -8.64
N LEU A 9 -16.01 2.70 -8.09
CA LEU A 9 -17.05 2.03 -8.88
C LEU A 9 -18.38 2.10 -8.14
N ASP A 10 -19.45 2.51 -8.83
CA ASP A 10 -20.82 2.37 -8.30
C ASP A 10 -21.81 1.80 -9.31
N SER A 11 -22.19 0.55 -9.12
CA SER A 11 -23.12 -0.12 -10.05
C SER A 11 -24.45 0.65 -10.21
N ARG A 12 -24.89 1.33 -9.15
CA ARG A 12 -26.16 2.05 -9.18
C ARG A 12 -26.12 3.30 -10.05
N SER A 13 -24.90 3.76 -10.38
CA SER A 13 -24.72 5.00 -11.14
C SER A 13 -24.33 4.80 -12.61
N VAL A 14 -23.68 3.69 -12.93
CA VAL A 14 -23.31 3.34 -14.30
C VAL A 14 -24.47 3.53 -15.29
N GLN A 15 -24.27 4.39 -16.28
CA GLN A 15 -25.22 4.55 -17.39
C GLN A 15 -25.28 3.27 -18.25
N GLY A 16 -26.50 2.83 -18.57
CA GLY A 16 -26.72 1.62 -19.38
C GLY A 16 -26.36 0.31 -18.68
N GLU A 17 -26.26 -0.76 -19.46
CA GLU A 17 -25.91 -2.10 -18.95
C GLU A 17 -24.55 -2.09 -18.26
N LEU A 18 -24.38 -2.91 -17.24
CA LEU A 18 -23.08 -3.07 -16.61
C LEU A 18 -22.13 -3.83 -17.55
N GLY A 19 -22.65 -4.93 -18.13
CA GLY A 19 -21.87 -5.78 -19.03
C GLY A 19 -20.54 -6.18 -18.40
N TRP A 20 -20.60 -6.61 -17.15
CA TRP A 20 -19.48 -7.28 -16.50
C TRP A 20 -19.30 -8.59 -17.25
N ILE A 21 -18.39 -9.45 -16.82
CA ILE A 21 -18.12 -10.67 -17.58
C ILE A 21 -18.54 -11.89 -16.78
N ALA A 22 -19.53 -12.59 -17.33
CA ALA A 22 -20.03 -13.80 -16.73
C ALA A 22 -19.35 -14.99 -17.36
N SER A 23 -18.81 -15.83 -16.48
CA SER A 23 -18.31 -17.15 -16.86
C SER A 23 -18.90 -18.21 -15.91
N PRO A 24 -19.89 -18.98 -16.37
CA PRO A 24 -20.30 -19.06 -17.79
C PRO A 24 -21.09 -17.85 -18.30
N LEU A 25 -21.22 -17.73 -19.63
CA LEU A 25 -21.87 -16.56 -20.26
C LEU A 25 -23.39 -16.62 -20.26
N GLU A 26 -23.93 -17.83 -20.37
CA GLU A 26 -25.35 -18.08 -20.24
C GLU A 26 -25.54 -19.14 -19.14
N GLY A 27 -26.59 -19.01 -18.33
CA GLY A 27 -26.94 -20.03 -17.32
C GLY A 27 -26.30 -19.85 -15.94
N GLY A 28 -25.32 -18.94 -15.84
CA GLY A 28 -24.70 -18.56 -14.57
C GLY A 28 -25.25 -17.21 -14.13
N TRP A 29 -24.38 -16.25 -13.84
CA TRP A 29 -24.86 -14.91 -13.41
C TRP A 29 -25.50 -14.16 -14.55
N GLU A 30 -26.67 -13.57 -14.29
CA GLU A 30 -27.39 -12.82 -15.32
C GLU A 30 -27.85 -11.48 -14.77
N GLU A 31 -27.92 -10.50 -15.67
CA GLU A 31 -28.27 -9.14 -15.32
C GLU A 31 -29.77 -9.07 -15.21
N VAL A 32 -30.25 -8.60 -14.07
CA VAL A 32 -31.67 -8.44 -13.83
C VAL A 32 -31.94 -7.03 -13.34
N SER A 33 -32.89 -6.40 -14.02
CA SER A 33 -33.25 -5.01 -13.82
C SER A 33 -34.50 -4.87 -12.95
N ILE A 34 -34.35 -4.30 -11.76
CA ILE A 34 -35.47 -3.91 -10.88
C ILE A 34 -35.67 -2.39 -11.03
N MET A 35 -36.88 -2.00 -11.42
CA MET A 35 -37.19 -0.62 -11.75
C MET A 35 -37.57 0.17 -10.50
N ASP A 36 -36.91 1.30 -10.27
CA ASP A 36 -37.27 2.14 -9.12
C ASP A 36 -38.39 3.06 -9.53
N GLU A 37 -38.91 3.82 -8.56
CA GLU A 37 -40.12 4.63 -8.75
C GLU A 37 -40.09 5.54 -9.99
N LYS A 38 -38.88 5.96 -10.41
CA LYS A 38 -38.75 6.82 -11.60
C LYS A 38 -38.60 6.05 -12.92
N ASN A 39 -38.49 4.72 -12.83
CA ASN A 39 -38.33 3.82 -14.00
C ASN A 39 -36.87 3.87 -14.46
N THR A 40 -35.99 4.03 -13.47
CA THR A 40 -34.56 3.95 -13.70
C THR A 40 -34.17 2.54 -13.33
N PRO A 41 -33.53 1.83 -14.27
CA PRO A 41 -33.04 0.52 -13.95
C PRO A 41 -32.22 0.52 -12.69
N ILE A 42 -32.41 -0.49 -11.84
CA ILE A 42 -31.41 -0.91 -10.86
C ILE A 42 -30.91 -2.24 -11.37
N ARG A 43 -29.61 -2.28 -11.61
CA ARG A 43 -29.02 -3.34 -12.37
C ARG A 43 -28.35 -4.33 -11.42
N THR A 44 -29.00 -5.47 -11.24
CA THR A 44 -28.54 -6.47 -10.28
C THR A 44 -27.95 -7.61 -11.07
N TYR A 45 -27.18 -8.43 -10.38
CA TYR A 45 -26.68 -9.65 -10.92
C TYR A 45 -27.16 -10.80 -10.03
N GLN A 46 -27.74 -11.82 -10.67
CA GLN A 46 -28.45 -12.89 -9.94
C GLN A 46 -28.08 -14.26 -10.52
N VAL A 47 -28.00 -15.24 -9.62
CA VAL A 47 -27.85 -16.63 -10.03
C VAL A 47 -28.52 -17.48 -8.98
N CYS A 48 -29.36 -18.41 -9.43
CA CYS A 48 -30.03 -19.33 -8.55
C CYS A 48 -30.27 -20.70 -9.21
N ASN A 49 -29.15 -21.41 -9.41
CA ASN A 49 -29.14 -22.82 -9.80
C ASN A 49 -28.91 -23.74 -8.60
N VAL A 50 -29.72 -23.61 -7.56
CA VAL A 50 -29.54 -24.38 -6.32
C VAL A 50 -29.87 -25.87 -6.45
N MET A 51 -30.68 -26.19 -7.46
CA MET A 51 -31.12 -27.57 -7.70
C MET A 51 -30.08 -28.41 -8.45
N GLU A 52 -28.93 -27.83 -8.78
CA GLU A 52 -28.00 -28.43 -9.75
C GLU A 52 -26.54 -28.44 -9.27
N PRO A 53 -25.92 -29.63 -9.21
CA PRO A 53 -24.64 -29.83 -8.52
C PRO A 53 -23.42 -29.12 -9.11
N SER A 54 -22.34 -29.12 -8.34
CA SER A 54 -20.99 -28.73 -8.83
C SER A 54 -20.95 -27.38 -9.53
N GLN A 55 -21.65 -26.40 -8.98
CA GLN A 55 -21.70 -25.05 -9.54
C GLN A 55 -20.37 -24.31 -9.30
N ASN A 56 -19.94 -23.58 -10.32
CA ASN A 56 -18.76 -22.73 -10.19
C ASN A 56 -18.95 -21.52 -11.10
N ASN A 57 -19.79 -20.58 -10.69
CA ASN A 57 -20.13 -19.46 -11.56
C ASN A 57 -19.41 -18.17 -11.18
N TRP A 58 -18.60 -17.63 -12.09
CA TRP A 58 -17.87 -16.39 -11.86
C TRP A 58 -18.53 -15.23 -12.54
N LEU A 59 -18.29 -14.07 -11.97
CA LEU A 59 -18.76 -12.81 -12.50
C LEU A 59 -17.72 -11.78 -12.14
N ARG A 60 -17.12 -11.10 -13.10
CA ARG A 60 -16.12 -10.10 -12.76
C ARG A 60 -16.41 -8.71 -13.31
N THR A 61 -15.87 -7.70 -12.63
CA THR A 61 -16.07 -6.34 -13.05
C THR A 61 -15.19 -5.99 -14.23
N ASP A 62 -15.53 -4.86 -14.82
CA ASP A 62 -14.60 -4.07 -15.56
C ASP A 62 -13.36 -3.74 -14.73
N TRP A 63 -12.33 -3.28 -15.41
CA TRP A 63 -11.13 -2.83 -14.76
C TRP A 63 -11.48 -1.57 -13.96
N ILE A 64 -10.99 -1.53 -12.72
CA ILE A 64 -11.26 -0.42 -11.80
C ILE A 64 -9.92 0.18 -11.46
N THR A 65 -9.77 1.49 -11.66
CA THR A 65 -8.52 2.14 -11.31
C THR A 65 -8.47 2.36 -9.79
N ARG A 66 -7.29 2.20 -9.20
CA ARG A 66 -7.15 2.48 -7.78
C ARG A 66 -6.75 3.93 -7.47
N GLU A 67 -6.57 4.74 -8.53
CA GLU A 67 -6.02 6.09 -8.44
C GLU A 67 -4.76 6.04 -7.58
N GLY A 68 -4.70 6.76 -6.48
CA GLY A 68 -3.48 6.72 -5.69
C GLY A 68 -3.44 5.61 -4.65
N ALA A 69 -4.62 5.12 -4.28
CA ALA A 69 -4.81 4.48 -3.00
C ALA A 69 -4.25 3.10 -2.95
N GLN A 70 -3.64 2.74 -1.83
CA GLN A 70 -3.32 1.32 -1.61
C GLN A 70 -4.48 0.45 -1.05
N ARG A 71 -5.40 1.06 -0.33
CA ARG A 71 -6.41 0.34 0.41
C ARG A 71 -7.79 0.75 -0.08
N VAL A 72 -8.54 -0.22 -0.59
CA VAL A 72 -9.85 0.08 -1.16
C VAL A 72 -10.93 -0.56 -0.28
N TYR A 73 -12.16 -0.07 -0.37
CA TYR A 73 -13.28 -0.59 0.45
C TYR A 73 -14.39 -1.03 -0.45
N ILE A 74 -14.90 -2.22 -0.20
CA ILE A 74 -15.95 -2.80 -1.03
C ILE A 74 -17.21 -3.02 -0.21
N GLU A 75 -18.28 -2.38 -0.66
CA GLU A 75 -19.55 -2.38 0.00
C GLU A 75 -20.56 -3.08 -0.88
N ILE A 76 -21.01 -4.26 -0.47
CA ILE A 76 -22.04 -4.96 -1.24
C ILE A 76 -23.38 -5.03 -0.47
N LYS A 77 -24.46 -4.68 -1.19
CA LYS A 77 -25.83 -4.91 -0.75
C LYS A 77 -26.49 -6.03 -1.54
N PHE A 78 -26.89 -7.08 -0.84
CA PHE A 78 -27.36 -8.28 -1.51
C PHE A 78 -28.55 -8.90 -0.78
N THR A 79 -29.12 -9.95 -1.39
CA THR A 79 -30.06 -10.84 -0.69
C THR A 79 -29.89 -12.29 -1.14
N LEU A 80 -29.96 -13.19 -0.16
CA LEU A 80 -29.71 -14.63 -0.33
C LEU A 80 -30.98 -15.40 0.04
N ARG A 81 -31.42 -16.36 -0.77
CA ARG A 81 -32.47 -17.24 -0.28
C ARG A 81 -31.85 -18.38 0.49
N ASP A 82 -32.25 -18.51 1.75
CA ASP A 82 -31.83 -19.63 2.57
C ASP A 82 -32.32 -20.94 1.96
N CYS A 83 -31.44 -21.93 1.97
CA CYS A 83 -31.77 -23.27 1.49
C CYS A 83 -33.06 -23.78 2.15
N ASN A 84 -33.21 -23.47 3.44
CA ASN A 84 -34.41 -23.77 4.22
C ASN A 84 -35.74 -23.39 3.59
N SER A 85 -35.76 -22.25 2.91
CA SER A 85 -36.97 -21.61 2.39
C SER A 85 -37.27 -21.95 0.94
N LEU A 86 -36.38 -22.73 0.30
CA LEU A 86 -36.50 -23.07 -1.13
C LEU A 86 -36.98 -24.51 -1.29
N PRO A 87 -38.24 -24.69 -1.71
CA PRO A 87 -38.67 -26.08 -1.86
C PRO A 87 -37.83 -26.84 -2.88
N GLY A 88 -37.56 -28.10 -2.56
CA GLY A 88 -36.75 -28.98 -3.40
C GLY A 88 -35.77 -29.73 -2.51
N VAL A 89 -35.44 -30.97 -2.89
CA VAL A 89 -34.28 -31.65 -2.32
C VAL A 89 -33.03 -31.07 -3.03
N MET A 90 -32.11 -30.49 -2.26
CA MET A 90 -30.93 -29.85 -2.84
C MET A 90 -29.76 -29.90 -1.85
N GLY A 91 -29.07 -31.04 -1.83
CA GLY A 91 -27.92 -31.22 -0.96
C GLY A 91 -26.69 -30.36 -1.23
N THR A 92 -26.61 -29.72 -2.39
CA THR A 92 -25.47 -28.83 -2.66
C THR A 92 -25.83 -27.34 -2.56
N CYS A 93 -26.99 -27.04 -1.99
CA CYS A 93 -27.38 -25.63 -1.77
C CYS A 93 -26.45 -24.99 -0.77
N LYS A 94 -26.15 -23.71 -0.99
CA LYS A 94 -25.24 -22.93 -0.16
C LYS A 94 -25.84 -21.56 0.16
N GLU A 95 -25.44 -20.98 1.30
CA GLU A 95 -25.93 -19.63 1.71
C GLU A 95 -24.78 -18.62 1.89
N THR A 96 -23.82 -18.69 0.98
CA THR A 96 -22.72 -17.72 0.88
C THR A 96 -22.29 -17.58 -0.59
N PHE A 97 -21.43 -16.60 -0.87
CA PHE A 97 -20.68 -16.54 -2.12
C PHE A 97 -19.27 -16.07 -1.77
N ASN A 98 -18.33 -16.22 -2.71
CA ASN A 98 -16.93 -15.79 -2.50
C ASN A 98 -16.56 -14.54 -3.31
N LEU A 99 -15.71 -13.69 -2.73
CA LEU A 99 -15.34 -12.44 -3.36
C LEU A 99 -13.84 -12.49 -3.66
N TYR A 100 -13.44 -12.08 -4.87
CA TYR A 100 -12.03 -12.15 -5.28
C TYR A 100 -11.55 -10.85 -5.91
N TYR A 101 -10.23 -10.64 -5.93
CA TYR A 101 -9.68 -9.55 -6.76
C TYR A 101 -8.44 -9.96 -7.57
N TYR A 102 -8.24 -9.27 -8.68
CA TYR A 102 -7.04 -9.48 -9.49
C TYR A 102 -6.42 -8.13 -9.78
N GLU A 103 -5.16 -7.97 -9.38
CA GLU A 103 -4.42 -6.74 -9.67
C GLU A 103 -3.86 -6.78 -11.07
N SER A 104 -4.22 -5.81 -11.92
CA SER A 104 -3.61 -5.66 -13.26
C SER A 104 -3.37 -4.21 -13.72
N ASP A 105 -2.23 -3.98 -14.38
CA ASP A 105 -1.98 -2.72 -15.10
C ASP A 105 -2.80 -2.63 -16.37
N ASN A 106 -3.20 -3.78 -16.89
CA ASN A 106 -3.93 -3.85 -18.13
C ASN A 106 -5.43 -3.75 -17.90
N ASP A 107 -6.04 -2.70 -18.46
CA ASP A 107 -7.47 -2.44 -18.33
C ASP A 107 -8.37 -3.14 -19.37
N LYS A 108 -7.77 -3.89 -20.29
CA LYS A 108 -8.52 -4.71 -21.24
C LYS A 108 -8.09 -6.17 -21.12
N GLU A 109 -7.99 -6.66 -19.89
CA GLU A 109 -7.76 -8.08 -19.67
C GLU A 109 -9.02 -8.82 -20.14
N ARG A 110 -8.81 -9.94 -20.84
CA ARG A 110 -9.89 -10.59 -21.57
C ARG A 110 -10.25 -11.91 -20.91
N PHE A 111 -9.26 -12.79 -20.79
CA PHE A 111 -9.45 -14.07 -20.14
C PHE A 111 -8.41 -14.22 -19.03
N ILE A 112 -8.74 -13.66 -17.87
CA ILE A 112 -7.98 -13.87 -16.64
C ILE A 112 -8.50 -15.16 -16.02
N ARG A 113 -7.59 -15.99 -15.54
CA ARG A 113 -7.98 -17.33 -15.12
C ARG A 113 -8.17 -17.43 -13.61
N GLU A 114 -8.88 -18.50 -13.23
CA GLU A 114 -9.37 -18.71 -11.86
C GLU A 114 -8.30 -18.55 -10.81
N ASN A 115 -7.13 -19.15 -11.06
CA ASN A 115 -6.06 -19.15 -10.06
C ASN A 115 -5.21 -17.89 -10.02
N GLN A 116 -5.53 -16.91 -10.87
CA GLN A 116 -4.91 -15.59 -10.81
C GLN A 116 -5.64 -14.70 -9.83
N PHE A 117 -6.93 -14.98 -9.62
CA PHE A 117 -7.75 -14.30 -8.63
C PHE A 117 -7.33 -14.61 -7.20
N VAL A 118 -7.32 -13.59 -6.35
CA VAL A 118 -6.90 -13.72 -4.95
C VAL A 118 -8.11 -13.46 -4.06
N LYS A 119 -8.30 -14.35 -3.07
CA LYS A 119 -9.55 -14.42 -2.33
C LYS A 119 -9.56 -13.40 -1.19
N ILE A 120 -10.65 -12.64 -1.11
CA ILE A 120 -10.87 -11.63 -0.06
C ILE A 120 -11.62 -12.25 1.11
N ASP A 121 -12.82 -12.78 0.83
CA ASP A 121 -13.64 -13.43 1.84
C ASP A 121 -14.80 -14.23 1.26
N THR A 122 -15.39 -15.03 2.14
CA THR A 122 -16.68 -15.65 1.90
C THR A 122 -17.74 -14.71 2.45
N ILE A 123 -18.69 -14.30 1.63
CA ILE A 123 -19.69 -13.38 2.11
C ILE A 123 -20.95 -14.12 2.41
N ALA A 124 -21.45 -13.90 3.63
CA ALA A 124 -22.69 -14.48 4.12
C ALA A 124 -23.64 -13.37 4.58
N ALA A 125 -24.93 -13.70 4.58
CA ALA A 125 -25.94 -12.84 5.19
C ALA A 125 -25.74 -12.96 6.70
N ASP A 126 -25.61 -11.82 7.38
CA ASP A 126 -25.12 -11.80 8.75
C ASP A 126 -25.94 -10.71 9.45
N GLU A 127 -25.38 -10.03 10.44
CA GLU A 127 -26.18 -9.17 11.31
C GLU A 127 -26.66 -7.90 10.60
N SER A 128 -25.85 -7.37 9.69
CA SER A 128 -26.06 -6.04 9.12
C SER A 128 -26.96 -6.03 7.90
N PHE A 129 -27.85 -5.05 7.88
CA PHE A 129 -28.75 -4.90 6.76
C PHE A 129 -29.05 -3.42 6.50
N THR A 130 -29.69 -3.17 5.38
CA THR A 130 -30.07 -1.82 4.99
C THR A 130 -31.45 -1.84 4.35
N GLN A 131 -31.98 -0.67 4.05
CA GLN A 131 -33.33 -0.57 3.50
C GLN A 131 -33.35 0.41 2.35
N VAL A 132 -33.70 -0.07 1.17
CA VAL A 132 -33.64 0.77 0.00
C VAL A 132 -35.03 0.96 -0.52
N ASP A 133 -35.58 2.13 -0.24
CA ASP A 133 -36.93 2.49 -0.65
C ASP A 133 -36.98 2.79 -2.15
N ILE A 134 -37.62 1.92 -2.92
CA ILE A 134 -37.73 2.11 -4.37
C ILE A 134 -39.15 2.48 -4.86
N GLY A 135 -40.03 2.84 -3.92
CA GLY A 135 -41.40 3.31 -4.25
C GLY A 135 -42.50 2.33 -3.88
N ASP A 136 -42.61 1.27 -4.67
CA ASP A 136 -43.66 0.29 -4.49
C ASP A 136 -43.31 -0.69 -3.37
N ARG A 137 -42.01 -0.83 -3.15
CA ARG A 137 -41.46 -1.71 -2.12
C ARG A 137 -40.30 -1.02 -1.39
N ILE A 138 -39.82 -1.66 -0.34
CA ILE A 138 -38.59 -1.30 0.32
C ILE A 138 -37.82 -2.60 0.31
N MET A 139 -36.68 -2.59 -0.36
CA MET A 139 -35.85 -3.78 -0.39
C MET A 139 -35.11 -3.79 0.93
N LYS A 140 -35.24 -4.85 1.70
CA LYS A 140 -34.39 -5.07 2.88
C LYS A 140 -33.30 -6.04 2.46
N LEU A 141 -32.04 -5.61 2.60
CA LEU A 141 -30.92 -6.30 1.95
C LEU A 141 -29.82 -6.46 2.96
N ASN A 142 -28.92 -7.41 2.77
CA ASN A 142 -27.77 -7.52 3.65
C ASN A 142 -26.76 -6.50 3.16
N THR A 143 -25.95 -5.95 4.06
CA THR A 143 -24.89 -5.01 3.65
C THR A 143 -23.63 -5.49 4.29
N GLU A 144 -22.65 -5.81 3.46
CA GLU A 144 -21.33 -6.17 3.92
C GLU A 144 -20.28 -5.26 3.28
N ILE A 145 -19.23 -4.95 4.05
CA ILE A 145 -18.10 -4.17 3.56
C ILE A 145 -16.83 -4.96 3.82
N ARG A 146 -15.94 -5.00 2.83
CA ARG A 146 -14.60 -5.54 3.06
C ARG A 146 -13.55 -4.53 2.59
N ASP A 147 -12.38 -4.59 3.24
CA ASP A 147 -11.23 -3.81 2.82
C ASP A 147 -10.21 -4.74 2.17
N VAL A 148 -9.82 -4.35 0.98
CA VAL A 148 -8.69 -5.00 0.34
C VAL A 148 -7.46 -4.06 0.18
N GLY A 149 -6.30 -4.64 0.42
CA GLY A 149 -5.02 -4.06 0.01
C GLY A 149 -3.90 -4.86 0.64
N PRO A 150 -2.66 -4.46 0.44
CA PRO A 150 -2.34 -3.19 -0.20
C PRO A 150 -2.15 -3.43 -1.67
N LEU A 151 -2.84 -2.64 -2.49
CA LEU A 151 -2.77 -2.67 -3.94
C LEU A 151 -1.58 -1.87 -4.48
N SER A 152 -0.93 -2.38 -5.52
CA SER A 152 0.27 -1.79 -6.11
C SER A 152 0.36 -2.10 -7.61
N LYS A 153 -0.64 -1.69 -8.36
CA LYS A 153 -0.66 -1.82 -9.80
C LYS A 153 -1.69 -0.81 -10.25
N LYS A 154 -1.71 -0.45 -11.52
CA LYS A 154 -2.55 0.69 -11.88
C LYS A 154 -4.02 0.51 -11.45
N GLY A 155 -4.55 -0.69 -11.57
CA GLY A 155 -5.91 -0.97 -11.15
C GLY A 155 -6.15 -2.42 -10.78
N PHE A 156 -7.42 -2.82 -10.79
CA PHE A 156 -7.81 -4.15 -10.35
C PHE A 156 -9.18 -4.59 -10.87
N TYR A 157 -9.45 -5.87 -10.70
CA TYR A 157 -10.71 -6.51 -11.09
C TYR A 157 -11.32 -7.14 -9.87
N LEU A 158 -12.62 -6.96 -9.69
CA LEU A 158 -13.36 -7.70 -8.67
C LEU A 158 -14.09 -8.85 -9.32
N ALA A 159 -14.13 -9.97 -8.60
CA ALA A 159 -14.91 -11.13 -9.03
C ALA A 159 -15.71 -11.73 -7.88
N PHE A 160 -16.89 -12.25 -8.22
CA PHE A 160 -17.80 -12.94 -7.31
C PHE A 160 -17.98 -14.37 -7.83
N GLN A 161 -17.69 -15.35 -6.97
CA GLN A 161 -17.89 -16.76 -7.31
C GLN A 161 -19.13 -17.32 -6.62
N ASP A 162 -19.96 -18.02 -7.38
CA ASP A 162 -21.13 -18.71 -6.84
C ASP A 162 -20.87 -20.22 -6.87
N VAL A 163 -21.12 -20.92 -5.78
CA VAL A 163 -20.98 -22.38 -5.73
C VAL A 163 -22.25 -23.13 -5.29
N GLY A 164 -23.41 -22.60 -5.69
CA GLY A 164 -24.70 -23.28 -5.49
C GLY A 164 -25.69 -22.53 -4.62
N ALA A 165 -25.69 -21.21 -4.67
CA ALA A 165 -26.50 -20.36 -3.82
C ALA A 165 -27.56 -19.68 -4.64
N CYS A 166 -28.45 -18.95 -3.97
CA CYS A 166 -29.49 -18.23 -4.65
C CYS A 166 -29.33 -16.76 -4.32
N ILE A 167 -28.47 -16.07 -5.09
CA ILE A 167 -27.92 -14.74 -4.76
C ILE A 167 -28.48 -13.65 -5.65
N ALA A 168 -28.88 -12.54 -5.07
CA ALA A 168 -29.05 -11.33 -5.83
C ALA A 168 -28.01 -10.31 -5.34
N LEU A 169 -27.09 -9.89 -6.20
CA LEU A 169 -26.21 -8.75 -5.89
C LEU A 169 -26.89 -7.53 -6.45
N VAL A 170 -27.37 -6.70 -5.54
CA VAL A 170 -28.19 -5.53 -5.90
C VAL A 170 -27.35 -4.25 -6.06
N SER A 171 -26.19 -4.21 -5.43
CA SER A 171 -25.37 -3.00 -5.39
C SER A 171 -23.94 -3.31 -5.02
N VAL A 172 -23.02 -2.72 -5.76
CA VAL A 172 -21.59 -2.86 -5.52
C VAL A 172 -21.00 -1.47 -5.59
N ARG A 173 -20.49 -0.99 -4.46
CA ARG A 173 -19.74 0.24 -4.45
C ARG A 173 -18.31 -0.09 -4.02
N VAL A 174 -17.34 0.54 -4.66
CA VAL A 174 -15.93 0.38 -4.31
C VAL A 174 -15.34 1.78 -4.13
N PHE A 175 -14.64 2.00 -3.03
CA PHE A 175 -14.18 3.33 -2.75
C PHE A 175 -12.89 3.30 -1.99
N TYR A 176 -12.25 4.45 -1.89
CA TYR A 176 -11.12 4.61 -0.98
C TYR A 176 -11.27 5.92 -0.22
N LYS A 177 -10.46 6.05 0.81
CA LYS A 177 -10.52 7.22 1.67
C LYS A 177 -9.32 8.09 1.37
N LYS A 178 -9.58 9.32 0.88
CA LYS A 178 -8.53 10.27 0.48
C LYS A 178 -8.16 11.06 1.71
N ALA A 179 -6.89 10.97 2.11
N GLY B 3 26.24 -12.08 -3.19
CA GLY B 3 27.41 -12.81 -3.77
C GLY B 3 28.72 -12.45 -3.11
N ASN B 4 29.31 -11.35 -3.57
CA ASN B 4 30.61 -10.88 -3.06
C ASN B 4 30.47 -9.70 -2.08
N GLU B 5 29.25 -9.43 -1.64
CA GLU B 5 29.00 -8.30 -0.78
C GLU B 5 29.21 -8.68 0.68
N VAL B 6 29.61 -7.67 1.45
CA VAL B 6 29.85 -7.81 2.87
C VAL B 6 29.28 -6.54 3.47
N THR B 7 28.29 -6.72 4.35
CA THR B 7 27.56 -5.62 4.95
C THR B 7 28.34 -5.11 6.15
N LEU B 8 28.66 -3.82 6.12
CA LEU B 8 29.36 -3.16 7.22
C LEU B 8 28.34 -2.63 8.19
N LEU B 9 27.26 -2.06 7.67
CA LEU B 9 26.12 -1.62 8.50
C LEU B 9 24.79 -1.83 7.80
N ASP B 10 23.79 -2.27 8.54
CA ASP B 10 22.41 -2.30 8.04
C ASP B 10 21.52 -1.79 9.16
N SER B 11 20.89 -0.65 8.93
CA SER B 11 20.01 -0.10 9.95
C SER B 11 18.82 -1.05 10.19
N ARG B 12 18.25 -1.60 9.12
CA ARG B 12 17.07 -2.48 9.18
C ARG B 12 17.27 -3.75 9.99
N SER B 13 18.49 -4.05 10.40
CA SER B 13 18.74 -5.31 11.08
C SER B 13 19.48 -5.14 12.40
N VAL B 14 19.51 -3.93 12.96
CA VAL B 14 20.17 -3.73 14.25
C VAL B 14 19.27 -4.28 15.37
N GLN B 15 19.89 -4.92 16.35
CA GLN B 15 19.21 -5.40 17.57
C GLN B 15 18.85 -4.21 18.52
N GLY B 16 17.67 -3.65 18.31
CA GLY B 16 17.12 -2.63 19.20
C GLY B 16 17.27 -1.21 18.69
N GLU B 17 17.30 -0.27 19.63
CA GLU B 17 17.44 1.15 19.30
C GLU B 17 18.81 1.44 18.64
N LEU B 18 18.80 2.34 17.66
CA LEU B 18 19.98 2.59 16.83
C LEU B 18 21.09 3.37 17.55
N GLY B 19 20.70 4.24 18.50
CA GLY B 19 21.69 5.02 19.23
C GLY B 19 22.70 5.66 18.30
N TRP B 20 22.19 6.24 17.22
CA TRP B 20 22.93 7.19 16.41
C TRP B 20 22.84 8.50 17.20
N ILE B 21 23.83 9.38 17.04
CA ILE B 21 23.88 10.65 17.75
C ILE B 21 23.27 11.78 16.92
N ALA B 22 22.23 12.43 17.43
CA ALA B 22 21.57 13.55 16.74
C ALA B 22 22.04 14.88 17.33
N SER B 23 21.91 15.95 16.55
CA SER B 23 22.34 17.30 16.95
C SER B 23 21.52 18.33 16.21
N PRO B 24 20.61 19.02 16.88
CA PRO B 24 20.33 18.88 18.33
C PRO B 24 19.73 17.50 18.71
N LEU B 25 19.86 17.09 19.99
CA LEU B 25 19.35 15.80 20.51
C LEU B 25 17.83 15.65 20.49
N GLU B 26 17.11 16.76 20.43
CA GLU B 26 15.65 16.74 20.31
C GLU B 26 15.21 17.87 19.40
N GLY B 27 14.02 17.72 18.83
CA GLY B 27 13.47 18.71 17.91
C GLY B 27 14.02 18.66 16.49
N GLY B 28 15.10 17.91 16.27
CA GLY B 28 15.69 17.73 14.93
C GLY B 28 15.39 16.33 14.41
N TRP B 29 16.45 15.55 14.16
CA TRP B 29 16.24 14.17 13.75
C TRP B 29 15.75 13.37 14.94
N GLU B 30 14.70 12.59 14.73
CA GLU B 30 14.16 11.72 15.77
C GLU B 30 13.77 10.36 15.20
N GLU B 31 13.92 9.34 16.05
CA GLU B 31 13.66 7.97 15.70
C GLU B 31 12.15 7.76 15.64
N VAL B 32 11.66 7.20 14.53
CA VAL B 32 10.27 6.79 14.41
C VAL B 32 10.25 5.31 13.96
N SER B 33 9.53 4.49 14.72
CA SER B 33 9.38 3.05 14.43
C SER B 33 8.12 2.79 13.62
N ILE B 34 8.30 2.11 12.50
CA ILE B 34 7.20 1.70 11.63
C ILE B 34 7.15 0.20 11.72
N MET B 35 5.98 -0.32 12.09
CA MET B 35 5.83 -1.72 12.50
C MET B 35 5.51 -2.61 11.30
N ASP B 36 6.43 -3.51 10.96
CA ASP B 36 6.22 -4.43 9.84
C ASP B 36 5.25 -5.54 10.27
N GLU B 37 4.87 -6.41 9.34
CA GLU B 37 3.78 -7.35 9.60
C GLU B 37 4.05 -8.29 10.76
N LYS B 38 5.31 -8.65 10.97
CA LYS B 38 5.70 -9.44 12.15
C LYS B 38 5.89 -8.57 13.41
N ASN B 39 5.30 -7.37 13.40
CA ASN B 39 5.43 -6.42 14.51
C ASN B 39 6.89 -6.16 14.92
N THR B 40 7.81 -6.21 13.96
CA THR B 40 9.19 -5.87 14.26
C THR B 40 9.39 -4.44 13.77
N PRO B 41 10.05 -3.62 14.59
CA PRO B 41 10.15 -2.22 14.23
C PRO B 41 11.12 -1.96 13.09
N ILE B 42 10.64 -1.17 12.13
CA ILE B 42 11.47 -0.57 11.12
C ILE B 42 11.87 0.82 11.63
N ARG B 43 13.15 0.95 11.98
CA ARG B 43 13.68 2.10 12.75
C ARG B 43 14.14 3.22 11.83
N THR B 44 13.27 4.23 11.67
CA THR B 44 13.53 5.36 10.77
C THR B 44 13.93 6.59 11.58
N TYR B 45 14.60 7.53 10.92
CA TYR B 45 14.91 8.84 11.48
C TYR B 45 14.29 9.87 10.57
N GLN B 46 13.58 10.82 11.17
CA GLN B 46 12.85 11.81 10.42
C GLN B 46 13.09 13.20 10.96
N VAL B 47 12.95 14.17 10.10
CA VAL B 47 12.88 15.54 10.51
C VAL B 47 11.99 16.27 9.52
N CYS B 48 11.26 17.27 10.02
CA CYS B 48 10.35 18.07 9.19
C CYS B 48 10.06 19.47 9.74
N ASN B 49 11.08 20.17 10.20
CA ASN B 49 10.91 21.53 10.70
C ASN B 49 10.76 22.55 9.55
N VAL B 50 9.78 22.35 8.68
CA VAL B 50 9.62 23.17 7.48
C VAL B 50 9.00 24.55 7.73
N MET B 51 8.35 24.75 8.87
CA MET B 51 7.86 26.09 9.23
C MET B 51 9.00 26.96 9.73
N GLU B 52 9.94 26.33 10.45
CA GLU B 52 10.98 27.04 11.20
C GLU B 52 12.20 27.30 10.33
N PRO B 53 12.83 28.49 10.47
CA PRO B 53 14.01 28.84 9.70
C PRO B 53 15.33 28.31 10.29
N SER B 54 16.44 28.60 9.60
CA SER B 54 17.80 28.35 10.12
C SER B 54 18.07 26.89 10.46
N GLN B 55 17.38 25.98 9.78
CA GLN B 55 17.51 24.56 10.10
C GLN B 55 18.89 24.04 9.74
N ASN B 56 19.55 23.43 10.72
CA ASN B 56 20.87 22.83 10.54
C ASN B 56 20.98 21.58 11.40
N ASN B 57 20.24 20.53 11.05
CA ASN B 57 20.08 19.36 11.89
C ASN B 57 20.92 18.19 11.43
N TRP B 58 21.67 17.59 12.36
CA TRP B 58 22.66 16.58 12.04
C TRP B 58 22.41 15.26 12.72
N LEU B 59 22.81 14.19 12.04
CA LEU B 59 22.62 12.82 12.50
C LEU B 59 23.82 12.03 12.08
N ARG B 60 24.53 11.41 13.01
CA ARG B 60 25.59 10.52 12.63
C ARG B 60 25.52 9.12 13.24
N THR B 61 25.82 8.15 12.39
CA THR B 61 25.82 6.77 12.76
C THR B 61 26.88 6.55 13.81
N ASP B 62 26.88 5.37 14.37
CA ASP B 62 27.99 4.92 15.17
C ASP B 62 29.16 4.52 14.25
N TRP B 63 30.31 4.26 14.87
CA TRP B 63 31.51 3.92 14.15
C TRP B 63 31.27 2.68 13.25
N ILE B 64 31.62 2.81 11.97
CA ILE B 64 31.60 1.70 11.02
C ILE B 64 33.02 1.32 10.65
N THR B 65 33.38 0.08 10.93
CA THR B 65 34.62 -0.55 10.50
C THR B 65 34.61 -0.69 8.98
N ARG B 66 35.78 -0.58 8.34
CA ARG B 66 35.87 -0.79 6.89
C ARG B 66 36.54 -2.09 6.53
N GLU B 67 37.01 -2.82 7.54
CA GLU B 67 37.67 -4.10 7.34
C GLU B 67 38.92 -3.91 6.50
N GLY B 68 39.03 -4.53 5.33
CA GLY B 68 40.12 -4.22 4.41
C GLY B 68 39.77 -3.26 3.28
N ALA B 69 38.50 -2.90 3.16
CA ALA B 69 38.01 -2.17 1.98
C ALA B 69 38.35 -0.67 1.98
N GLN B 70 38.94 -0.20 0.89
CA GLN B 70 39.15 1.25 0.71
C GLN B 70 37.95 1.88 0.05
N ARG B 71 37.09 1.08 -0.56
CA ARG B 71 35.91 1.59 -1.21
C ARG B 71 34.69 0.89 -0.61
N VAL B 72 33.70 1.72 -0.34
CA VAL B 72 32.50 1.35 0.31
C VAL B 72 31.35 1.98 -0.46
N TYR B 73 30.21 1.29 -0.48
CA TYR B 73 28.96 1.71 -1.12
C TYR B 73 27.92 1.94 -0.06
N ILE B 74 27.16 3.01 -0.22
CA ILE B 74 26.16 3.40 0.77
C ILE B 74 24.82 3.45 0.07
N GLU B 75 23.85 2.71 0.59
CA GLU B 75 22.50 2.59 0.01
C GLU B 75 21.47 3.19 0.95
N ILE B 76 20.67 4.08 0.44
CA ILE B 76 19.70 4.77 1.26
C ILE B 76 18.32 4.70 0.62
N LYS B 77 17.35 4.28 1.41
CA LYS B 77 15.94 4.30 1.04
C LYS B 77 15.29 5.31 1.96
N PHE B 78 14.51 6.21 1.36
CA PHE B 78 13.99 7.37 2.07
C PHE B 78 12.74 7.89 1.36
N THR B 79 12.09 8.86 1.98
CA THR B 79 11.02 9.57 1.30
C THR B 79 11.02 11.00 1.79
N LEU B 80 10.53 11.91 0.96
CA LEU B 80 10.39 13.33 1.32
C LEU B 80 9.04 13.84 0.87
N ARG B 81 8.52 14.83 1.59
CA ARG B 81 7.34 15.52 1.13
C ARG B 81 7.78 16.72 0.34
N ASP B 82 7.26 16.83 -0.87
CA ASP B 82 7.59 17.91 -1.77
C ASP B 82 7.02 19.18 -1.13
N CYS B 83 7.80 20.26 -1.17
CA CYS B 83 7.37 21.53 -0.60
C CYS B 83 6.00 21.98 -1.13
N ASN B 84 5.67 21.60 -2.37
CA ASN B 84 4.44 22.09 -2.99
C ASN B 84 3.16 21.32 -2.54
N SER B 85 3.36 20.24 -1.80
CA SER B 85 2.27 19.51 -1.16
C SER B 85 1.98 20.05 0.25
N LEU B 86 2.97 20.69 0.86
CA LEU B 86 2.85 21.16 2.23
C LEU B 86 2.27 22.57 2.28
N PRO B 87 0.96 22.71 2.59
CA PRO B 87 0.44 24.07 2.63
C PRO B 87 1.12 24.93 3.67
N GLY B 88 1.12 26.24 3.42
CA GLY B 88 1.87 27.21 4.19
C GLY B 88 2.84 27.96 3.28
N VAL B 89 3.00 29.26 3.54
CA VAL B 89 4.16 30.00 3.02
C VAL B 89 5.35 29.56 3.89
N MET B 90 6.38 29.00 3.26
CA MET B 90 7.44 28.33 4.00
C MET B 90 8.83 28.91 3.71
N GLY B 91 9.17 29.03 2.43
CA GLY B 91 10.29 29.87 2.01
C GLY B 91 11.64 29.18 2.06
N THR B 92 11.99 28.61 3.21
CA THR B 92 13.24 27.85 3.33
C THR B 92 12.99 26.34 3.23
N CYS B 93 12.08 25.96 2.33
CA CYS B 93 11.73 24.57 2.17
C CYS B 93 12.62 23.89 1.14
N LYS B 94 13.41 22.92 1.61
CA LYS B 94 14.30 22.13 0.77
C LYS B 94 13.73 20.73 0.50
N GLU B 95 14.18 20.11 -0.59
CA GLU B 95 13.84 18.72 -0.91
C GLU B 95 15.11 17.92 -1.11
N THR B 96 16.12 18.24 -0.33
CA THR B 96 17.35 17.49 -0.38
C THR B 96 17.86 17.39 1.03
N PHE B 97 18.75 16.45 1.26
CA PHE B 97 19.57 16.47 2.44
C PHE B 97 21.02 16.22 2.01
N ASN B 98 21.97 16.51 2.90
CA ASN B 98 23.38 16.35 2.58
C ASN B 98 23.99 15.16 3.32
N LEU B 99 24.80 14.37 2.62
CA LEU B 99 25.38 13.17 3.15
C LEU B 99 26.88 13.34 3.30
N TYR B 100 27.44 12.97 4.46
CA TYR B 100 28.88 13.12 4.75
C TYR B 100 29.46 11.85 5.31
N TYR B 101 30.79 11.87 5.46
CA TYR B 101 31.50 10.91 6.31
C TYR B 101 32.71 11.53 7.01
N TYR B 102 33.27 10.79 7.96
CA TYR B 102 34.48 11.19 8.65
C TYR B 102 35.24 9.93 9.04
N GLU B 103 36.54 9.93 8.75
CA GLU B 103 37.42 8.77 8.97
C GLU B 103 38.06 8.89 10.34
N SER B 104 38.18 7.77 11.03
CA SER B 104 38.93 7.72 12.27
C SER B 104 39.24 6.31 12.75
N ASP B 105 40.32 6.20 13.51
CA ASP B 105 40.70 4.97 14.19
C ASP B 105 40.01 4.92 15.56
N ASN B 106 39.37 6.02 15.98
CA ASN B 106 38.67 6.05 17.26
C ASN B 106 37.24 5.60 17.12
N ASP B 107 36.89 4.50 17.78
CA ASP B 107 35.55 3.92 17.61
C ASP B 107 34.53 4.37 18.68
N LYS B 108 34.98 5.19 19.64
CA LYS B 108 34.11 5.73 20.66
C LYS B 108 34.20 7.26 20.62
N GLU B 109 34.10 7.84 19.43
CA GLU B 109 34.08 9.31 19.32
C GLU B 109 32.80 9.80 19.99
N ARG B 110 32.90 10.87 20.76
CA ARG B 110 31.71 11.45 21.41
C ARG B 110 31.26 12.72 20.70
N PHE B 111 32.22 13.58 20.33
CA PHE B 111 31.92 14.72 19.47
C PHE B 111 32.84 14.82 18.25
N ILE B 112 32.25 15.17 17.11
CA ILE B 112 32.92 15.39 15.82
C ILE B 112 32.38 16.73 15.31
N ARG B 113 33.22 17.72 15.04
CA ARG B 113 32.73 19.05 14.63
C ARG B 113 32.09 19.07 13.24
N GLU B 114 31.34 20.12 12.95
CA GLU B 114 30.71 20.25 11.66
C GLU B 114 31.75 20.20 10.54
N ASN B 115 32.84 20.97 10.70
CA ASN B 115 33.89 21.05 9.67
C ASN B 115 34.81 19.83 9.52
N GLN B 116 34.75 18.88 10.45
CA GLN B 116 35.50 17.63 10.28
C GLN B 116 34.84 16.62 9.32
N PHE B 117 33.63 16.91 8.85
CA PHE B 117 32.89 15.96 8.00
C PHE B 117 33.05 16.24 6.51
N VAL B 118 33.40 15.21 5.74
CA VAL B 118 33.67 15.38 4.33
C VAL B 118 32.41 15.08 3.56
N LYS B 119 32.05 15.97 2.62
CA LYS B 119 30.79 15.85 1.91
C LYS B 119 30.88 14.77 0.86
N ILE B 120 29.83 13.94 0.78
CA ILE B 120 29.73 12.90 -0.22
C ILE B 120 28.86 13.41 -1.36
N ASP B 121 27.62 13.83 -1.04
CA ASP B 121 26.74 14.39 -2.06
C ASP B 121 25.56 15.10 -1.45
N THR B 122 24.84 15.83 -2.27
CA THR B 122 23.53 16.30 -1.93
C THR B 122 22.54 15.26 -2.48
N ILE B 123 21.80 14.61 -1.60
CA ILE B 123 20.85 13.54 -1.98
C ILE B 123 19.48 14.16 -2.18
N ALA B 124 18.87 13.87 -3.32
CA ALA B 124 17.50 14.34 -3.61
C ALA B 124 16.68 13.15 -4.16
N ALA B 125 15.36 13.27 -4.07
CA ALA B 125 14.45 12.26 -4.60
C ALA B 125 14.50 12.29 -6.11
N ASP B 126 15.20 11.32 -6.69
CA ASP B 126 15.46 11.27 -8.12
C ASP B 126 14.61 10.11 -8.68
N GLU B 127 14.98 9.57 -9.83
CA GLU B 127 14.15 8.60 -10.56
C GLU B 127 14.04 7.22 -9.88
N SER B 128 15.01 6.85 -9.07
CA SER B 128 15.09 5.50 -8.50
C SER B 128 14.18 5.25 -7.31
N PHE B 129 13.25 4.30 -7.46
N PHE B 129 13.25 4.31 -7.46
CA PHE B 129 12.29 3.94 -6.40
CA PHE B 129 12.29 3.94 -6.40
C PHE B 129 12.41 2.46 -6.06
C PHE B 129 12.41 2.46 -6.06
N THR B 130 12.21 2.12 -4.80
CA THR B 130 12.06 0.72 -4.40
C THR B 130 10.71 0.56 -3.69
N GLN B 131 10.27 -0.69 -3.53
CA GLN B 131 9.01 -0.98 -2.88
C GLN B 131 9.21 -1.99 -1.77
N VAL B 132 8.97 -1.55 -0.53
CA VAL B 132 9.12 -2.41 0.62
C VAL B 132 7.74 -2.77 1.13
N ASP B 133 7.47 -4.07 1.12
CA ASP B 133 6.22 -4.63 1.54
C ASP B 133 6.22 -4.90 3.04
N ILE B 134 5.35 -4.21 3.78
CA ILE B 134 5.35 -4.33 5.25
C ILE B 134 4.05 -4.86 5.82
N GLY B 135 3.19 -5.41 4.96
CA GLY B 135 1.94 -6.05 5.37
C GLY B 135 0.78 -5.17 4.96
N ASP B 136 0.41 -4.24 5.84
CA ASP B 136 -0.72 -3.34 5.62
C ASP B 136 -0.51 -2.34 4.47
N ARG B 137 0.74 -1.92 4.29
CA ARG B 137 1.17 -1.00 3.22
C ARG B 137 2.34 -1.52 2.43
N ILE B 138 2.50 -1.00 1.21
CA ILE B 138 3.75 -1.09 0.43
C ILE B 138 4.45 0.28 0.40
N MET B 139 5.62 0.37 1.01
CA MET B 139 6.35 1.64 1.08
C MET B 139 7.07 1.92 -0.24
N LYS B 140 6.58 2.91 -0.99
CA LYS B 140 7.27 3.42 -2.18
C LYS B 140 8.29 4.46 -1.78
N LEU B 141 9.56 4.08 -1.85
CA LEU B 141 10.64 4.89 -1.35
C LEU B 141 11.64 5.13 -2.46
N ASN B 142 12.26 6.31 -2.43
CA ASN B 142 13.39 6.59 -3.30
C ASN B 142 14.52 5.76 -2.74
N THR B 143 15.41 5.34 -3.65
CA THR B 143 16.61 4.57 -3.34
C THR B 143 17.77 5.29 -3.98
N GLU B 144 18.87 5.45 -3.28
CA GLU B 144 20.04 6.06 -3.89
C GLU B 144 21.26 5.35 -3.38
N ILE B 145 22.24 5.16 -4.24
CA ILE B 145 23.50 4.56 -3.84
C ILE B 145 24.65 5.54 -4.15
N ARG B 146 25.68 5.54 -3.30
CA ARG B 146 26.86 6.35 -3.48
C ARG B 146 28.08 5.58 -3.01
N ASP B 147 29.17 5.64 -3.76
CA ASP B 147 30.42 5.09 -3.27
C ASP B 147 31.24 6.17 -2.59
N VAL B 148 32.11 5.72 -1.69
CA VAL B 148 33.03 6.59 -1.01
C VAL B 148 34.39 5.88 -0.82
N GLY B 149 35.45 6.63 -1.07
CA GLY B 149 36.82 6.10 -0.98
C GLY B 149 37.75 7.11 -1.56
N PRO B 150 39.06 6.93 -1.40
CA PRO B 150 39.61 5.75 -0.74
C PRO B 150 39.71 5.97 0.74
N LEU B 151 39.26 5.00 1.54
CA LEU B 151 39.30 5.12 3.01
C LEU B 151 40.56 4.44 3.45
N SER B 152 41.10 4.91 4.58
CA SER B 152 42.41 4.48 5.05
C SER B 152 42.64 4.67 6.55
N LYS B 153 41.56 4.73 7.32
CA LYS B 153 41.65 4.62 8.78
C LYS B 153 40.79 3.44 9.17
N LYS B 154 40.98 2.92 10.38
CA LYS B 154 40.33 1.67 10.78
C LYS B 154 38.81 1.71 10.60
N GLY B 155 38.21 2.90 10.71
CA GLY B 155 36.78 3.03 10.44
C GLY B 155 36.32 4.42 10.06
N PHE B 156 35.01 4.58 10.05
CA PHE B 156 34.38 5.84 9.71
C PHE B 156 32.97 6.01 10.29
N TYR B 157 32.48 7.24 10.19
CA TYR B 157 31.17 7.63 10.63
C TYR B 157 30.47 8.22 9.43
N LEU B 158 29.20 7.88 9.25
CA LEU B 158 28.36 8.57 8.29
C LEU B 158 27.63 9.69 9.02
N ALA B 159 27.35 10.78 8.31
CA ALA B 159 26.45 11.78 8.88
C ALA B 159 25.43 12.24 7.86
N PHE B 160 24.28 12.67 8.35
CA PHE B 160 23.22 13.23 7.51
C PHE B 160 22.95 14.63 8.04
N GLN B 161 22.66 15.57 7.15
CA GLN B 161 22.36 16.96 7.51
C GLN B 161 21.12 17.46 6.80
N ASP B 162 20.18 17.97 7.55
CA ASP B 162 18.96 18.56 7.00
C ASP B 162 19.02 20.04 7.26
N VAL B 163 18.59 20.81 6.26
CA VAL B 163 18.59 22.27 6.33
C VAL B 163 17.19 22.85 6.08
N GLY B 164 16.15 22.05 6.34
CA GLY B 164 14.74 22.48 6.13
C GLY B 164 13.89 21.60 5.20
N ALA B 165 14.11 20.29 5.24
CA ALA B 165 13.30 19.37 4.44
C ALA B 165 12.33 18.57 5.29
N CYS B 166 11.32 17.99 4.64
CA CYS B 166 10.51 16.99 5.29
C CYS B 166 11.05 15.64 4.84
N ILE B 167 11.86 15.00 5.67
CA ILE B 167 12.60 13.82 5.27
C ILE B 167 12.40 12.65 6.25
N ALA B 168 12.38 11.43 5.69
CA ALA B 168 12.54 10.21 6.50
C ALA B 168 13.53 9.25 5.88
N LEU B 169 14.58 8.92 6.64
CA LEU B 169 15.50 7.89 6.30
C LEU B 169 14.87 6.62 6.79
N VAL B 170 14.52 5.70 5.90
CA VAL B 170 13.90 4.47 6.34
C VAL B 170 14.91 3.38 6.53
N SER B 171 15.90 3.35 5.65
CA SER B 171 16.90 2.29 5.65
C SER B 171 18.20 2.91 5.18
N VAL B 172 19.30 2.48 5.80
CA VAL B 172 20.64 2.83 5.40
C VAL B 172 21.38 1.52 5.46
N ARG B 173 22.01 1.13 4.34
CA ARG B 173 22.96 0.03 4.37
C ARG B 173 24.31 0.53 3.82
N VAL B 174 25.38 0.01 4.39
CA VAL B 174 26.72 0.32 3.95
C VAL B 174 27.42 -1.03 3.74
N PHE B 175 27.96 -1.25 2.55
CA PHE B 175 28.61 -2.53 2.30
C PHE B 175 29.90 -2.34 1.54
N TYR B 176 30.72 -3.38 1.49
CA TYR B 176 31.76 -3.39 0.47
C TYR B 176 31.72 -4.64 -0.40
N LYS B 177 32.46 -4.56 -1.51
CA LYS B 177 32.56 -5.65 -2.49
C LYS B 177 33.90 -6.34 -2.25
N LYS B 178 33.86 -7.65 -1.99
CA LYS B 178 35.00 -8.40 -1.46
C LYS B 178 35.59 -9.26 -2.56
N ALA B 179 36.92 -9.25 -2.67
N GLY C 3 26.16 16.55 -12.62
CA GLY C 3 26.78 17.74 -11.94
C GLY C 3 28.27 17.58 -11.71
N ASN C 4 28.63 16.53 -10.96
CA ASN C 4 30.01 16.09 -10.82
C ASN C 4 30.26 14.96 -11.82
N GLU C 5 29.39 14.86 -12.83
CA GLU C 5 29.31 13.71 -13.70
C GLU C 5 29.62 14.08 -15.13
N VAL C 6 30.55 13.34 -15.72
CA VAL C 6 30.82 13.42 -17.14
C VAL C 6 30.27 12.14 -17.77
N THR C 7 29.38 12.30 -18.73
CA THR C 7 28.85 11.17 -19.50
C THR C 7 29.89 10.74 -20.54
N LEU C 8 30.11 9.43 -20.64
CA LEU C 8 30.90 8.80 -21.71
C LEU C 8 30.03 8.16 -22.76
N LEU C 9 28.86 7.66 -22.36
CA LEU C 9 27.90 7.07 -23.30
C LEU C 9 26.51 7.26 -22.76
N ASP C 10 25.55 7.50 -23.65
CA ASP C 10 24.13 7.57 -23.25
C ASP C 10 23.25 7.20 -24.44
N SER C 11 22.70 6.00 -24.40
CA SER C 11 21.90 5.47 -25.53
C SER C 11 20.72 6.36 -25.88
N ARG C 12 20.16 7.03 -24.89
CA ARG C 12 18.96 7.85 -25.10
C ARG C 12 19.21 9.18 -25.80
N SER C 13 20.47 9.61 -25.89
CA SER C 13 20.83 10.92 -26.49
C SER C 13 21.53 10.76 -27.85
N VAL C 14 21.40 9.58 -28.46
CA VAL C 14 21.92 9.37 -29.80
C VAL C 14 20.76 9.65 -30.75
N GLN C 15 21.03 10.42 -31.78
CA GLN C 15 20.04 10.65 -32.83
C GLN C 15 20.13 9.48 -33.82
N GLY C 16 18.99 9.03 -34.31
CA GLY C 16 18.94 7.85 -35.18
C GLY C 16 19.27 6.56 -34.44
N GLU C 17 19.59 5.53 -35.23
CA GLU C 17 19.83 4.18 -34.71
C GLU C 17 21.21 4.07 -34.06
N LEU C 18 21.29 3.28 -32.99
CA LEU C 18 22.53 3.10 -32.23
C LEU C 18 23.62 2.45 -33.06
N GLY C 19 23.24 1.43 -33.83
CA GLY C 19 24.18 0.68 -34.67
C GLY C 19 25.29 0.02 -33.88
N TRP C 20 24.94 -0.52 -32.72
CA TRP C 20 25.86 -1.35 -31.95
C TRP C 20 26.06 -2.67 -32.66
N ILE C 21 27.06 -3.43 -32.22
CA ILE C 21 27.49 -4.63 -32.94
C ILE C 21 26.88 -5.87 -32.31
N ALA C 22 25.93 -6.49 -33.03
CA ALA C 22 25.27 -7.70 -32.56
C ALA C 22 25.89 -8.92 -33.21
N SER C 23 26.16 -9.92 -32.38
CA SER C 23 26.55 -11.24 -32.83
C SER C 23 25.60 -12.27 -32.16
N PRO C 24 24.67 -12.88 -32.91
CA PRO C 24 24.51 -12.70 -34.36
C PRO C 24 23.83 -11.39 -34.74
N LEU C 25 23.93 -11.06 -36.03
CA LEU C 25 23.52 -9.77 -36.54
C LEU C 25 22.00 -9.64 -36.49
N GLU C 26 21.30 -10.75 -36.66
CA GLU C 26 19.86 -10.74 -36.62
C GLU C 26 19.38 -11.98 -35.92
N GLY C 27 18.17 -11.91 -35.38
CA GLY C 27 17.60 -13.00 -34.61
C GLY C 27 18.09 -13.10 -33.16
N GLY C 28 19.13 -12.35 -32.80
CA GLY C 28 19.58 -12.22 -31.41
C GLY C 28 19.14 -10.87 -30.93
N TRP C 29 20.05 -10.08 -30.37
CA TRP C 29 19.71 -8.72 -30.03
C TRP C 29 19.42 -7.93 -31.29
N GLU C 30 18.20 -7.35 -31.38
CA GLU C 30 17.81 -6.45 -32.47
C GLU C 30 17.33 -5.12 -31.91
N GLU C 31 17.14 -4.14 -32.78
CA GLU C 31 16.79 -2.79 -32.34
C GLU C 31 15.29 -2.57 -32.41
N VAL C 32 14.72 -2.03 -31.33
CA VAL C 32 13.28 -1.74 -31.27
C VAL C 32 12.98 -0.37 -30.70
N SER C 33 12.28 0.43 -31.51
CA SER C 33 11.93 1.80 -31.21
C SER C 33 10.57 1.89 -30.54
N ILE C 34 10.49 2.59 -29.41
CA ILE C 34 9.22 2.87 -28.72
C ILE C 34 8.98 4.39 -28.71
N MET C 35 7.76 4.81 -29.05
CA MET C 35 7.43 6.24 -29.11
C MET C 35 7.00 6.84 -27.78
N ASP C 36 7.90 7.65 -27.20
CA ASP C 36 7.51 8.83 -26.43
C ASP C 36 7.23 9.89 -27.49
N ASN C 39 6.98 12.60 -28.84
CA ASN C 39 6.66 12.06 -30.15
C ASN C 39 7.85 11.32 -30.80
N THR C 40 8.92 11.13 -30.03
CA THR C 40 10.20 10.70 -30.57
C THR C 40 10.63 9.32 -30.07
N PRO C 41 11.24 8.49 -30.95
CA PRO C 41 11.73 7.15 -30.62
C PRO C 41 12.64 7.04 -29.41
N ILE C 42 12.40 6.05 -28.56
CA ILE C 42 13.41 5.58 -27.62
C ILE C 42 14.01 4.31 -28.23
N ARG C 43 15.32 4.27 -28.33
CA ARG C 43 16.01 3.18 -29.00
C ARG C 43 16.36 2.09 -28.00
N THR C 44 15.69 0.94 -28.13
CA THR C 44 15.91 -0.19 -27.23
C THR C 44 16.57 -1.35 -27.98
N TYR C 45 17.23 -2.21 -27.22
CA TYR C 45 17.70 -3.48 -27.76
C TYR C 45 16.99 -4.64 -27.06
N GLN C 46 16.44 -5.54 -27.84
CA GLN C 46 15.62 -6.63 -27.30
C GLN C 46 15.98 -7.96 -27.89
N VAL C 47 15.87 -8.99 -27.08
CA VAL C 47 16.04 -10.38 -27.53
C VAL C 47 15.08 -11.27 -26.73
N CYS C 48 14.36 -12.16 -27.40
CA CYS C 48 13.47 -13.09 -26.72
C CYS C 48 13.33 -14.39 -27.47
N ASN C 49 14.43 -15.11 -27.56
CA ASN C 49 14.41 -16.46 -28.13
C ASN C 49 14.21 -17.53 -27.04
N VAL C 50 13.17 -17.37 -26.23
CA VAL C 50 13.03 -18.19 -25.01
C VAL C 50 12.65 -19.63 -25.30
N MET C 51 12.04 -19.86 -26.46
CA MET C 51 11.64 -21.22 -26.86
C MET C 51 12.82 -22.05 -27.34
N GLU C 52 13.85 -21.38 -27.85
CA GLU C 52 14.91 -22.05 -28.58
C GLU C 52 16.12 -22.29 -27.68
N PRO C 53 16.86 -23.39 -27.96
CA PRO C 53 18.00 -23.83 -27.15
C PRO C 53 19.32 -23.22 -27.61
N SER C 54 20.38 -23.48 -26.83
CA SER C 54 21.74 -23.13 -27.23
C SER C 54 21.94 -21.63 -27.49
N GLN C 55 21.23 -20.77 -26.75
CA GLN C 55 21.26 -19.34 -27.07
C GLN C 55 22.52 -18.69 -26.52
N ASN C 56 23.10 -17.78 -27.30
CA ASN C 56 24.35 -17.12 -26.91
C ASN C 56 24.44 -15.83 -27.73
N ASN C 57 23.56 -14.90 -27.36
CA ASN C 57 23.33 -13.68 -28.11
C ASN C 57 24.18 -12.56 -27.50
N TRP C 58 24.96 -11.87 -28.33
CA TRP C 58 25.88 -10.84 -27.85
C TRP C 58 25.57 -9.50 -28.49
N LEU C 59 25.74 -8.44 -27.71
CA LEU C 59 25.54 -7.10 -28.20
C LEU C 59 26.67 -6.29 -27.61
N ARG C 60 27.54 -5.72 -28.44
CA ARG C 60 28.57 -4.84 -27.92
C ARG C 60 28.41 -3.42 -28.39
N THR C 61 28.87 -2.51 -27.56
CA THR C 61 28.94 -1.10 -27.93
C THR C 61 30.16 -0.87 -28.77
N ASP C 62 30.23 0.33 -29.33
CA ASP C 62 31.45 0.82 -29.90
C ASP C 62 32.43 1.21 -28.81
N TRP C 63 33.65 1.49 -29.22
CA TRP C 63 34.72 1.90 -28.32
C TRP C 63 34.26 3.10 -27.52
N ILE C 64 34.42 3.04 -26.20
CA ILE C 64 34.04 4.14 -25.36
C ILE C 64 35.31 4.70 -24.73
N THR C 65 35.64 5.95 -25.01
CA THR C 65 36.77 6.56 -24.33
C THR C 65 36.50 6.76 -22.84
N ARG C 66 37.52 6.52 -22.01
CA ARG C 66 37.37 6.72 -20.57
C ARG C 66 37.90 8.08 -20.08
N GLU C 67 38.38 8.92 -21.00
CA GLU C 67 38.98 10.21 -20.63
C GLU C 67 39.92 10.02 -19.44
N GLY C 68 39.83 10.86 -18.42
CA GLY C 68 40.76 10.71 -17.28
C GLY C 68 40.48 9.58 -16.32
N ALA C 69 39.31 8.95 -16.45
CA ALA C 69 38.71 8.22 -15.34
C ALA C 69 39.50 7.01 -14.87
N GLN C 70 39.51 6.86 -13.55
CA GLN C 70 40.09 5.70 -12.92
C GLN C 70 39.02 4.63 -12.70
N ARG C 71 37.76 4.97 -12.99
CA ARG C 71 36.57 4.27 -12.47
C ARG C 71 35.33 4.82 -13.17
N VAL C 72 34.57 3.95 -13.82
CA VAL C 72 33.40 4.34 -14.59
C VAL C 72 32.14 3.70 -13.96
N TYR C 73 30.97 4.30 -14.20
CA TYR C 73 29.69 3.85 -13.63
C TYR C 73 28.68 3.56 -14.75
N ILE C 74 27.97 2.45 -14.65
CA ILE C 74 27.07 1.99 -15.73
C ILE C 74 25.62 1.87 -15.25
N GLU C 75 24.74 2.70 -15.82
CA GLU C 75 23.35 2.77 -15.44
C GLU C 75 22.47 2.08 -16.49
N ILE C 76 21.89 0.95 -16.14
CA ILE C 76 20.99 0.23 -17.07
C ILE C 76 19.53 0.26 -16.65
N LYS C 77 18.65 0.70 -17.55
CA LYS C 77 17.21 0.56 -17.37
C LYS C 77 16.62 -0.49 -18.30
N PHE C 78 16.08 -1.55 -17.72
CA PHE C 78 15.64 -2.69 -18.52
C PHE C 78 14.38 -3.33 -17.94
N THR C 79 13.86 -4.33 -18.67
CA THR C 79 12.73 -5.12 -18.18
C THR C 79 12.84 -6.53 -18.71
N LEU C 80 12.23 -7.47 -17.99
CA LEU C 80 12.15 -8.86 -18.40
C LEU C 80 10.74 -9.44 -18.26
N ARG C 81 10.54 -10.59 -18.89
CA ARG C 81 9.43 -11.46 -18.60
C ARG C 81 9.97 -12.54 -17.69
N ASP C 82 9.19 -12.90 -16.67
CA ASP C 82 9.47 -14.11 -15.89
C ASP C 82 9.22 -15.30 -16.78
N CYS C 83 9.94 -16.38 -16.52
CA CYS C 83 9.68 -17.63 -17.22
C CYS C 83 8.36 -18.25 -16.72
N ASN C 84 7.94 -17.87 -15.51
CA ASN C 84 6.61 -18.19 -15.02
C ASN C 84 5.51 -17.81 -16.01
N SER C 85 5.45 -16.52 -16.34
CA SER C 85 4.40 -15.98 -17.20
C SER C 85 4.44 -16.44 -18.67
N LEU C 86 5.53 -17.09 -19.09
CA LEU C 86 5.66 -17.59 -20.47
C LEU C 86 5.25 -19.07 -20.62
N PRO C 87 4.13 -19.35 -21.31
CA PRO C 87 3.79 -20.76 -21.59
C PRO C 87 4.69 -21.40 -22.66
N GLY C 88 5.19 -22.61 -22.36
CA GLY C 88 6.13 -23.31 -23.22
C GLY C 88 7.09 -24.11 -22.37
N VAL C 89 8.12 -24.70 -22.99
CA VAL C 89 9.11 -25.49 -22.26
C VAL C 89 10.23 -24.57 -21.79
N MET C 90 10.16 -24.18 -20.52
CA MET C 90 11.00 -23.11 -19.98
C MET C 90 12.04 -23.62 -18.98
N GLY C 91 12.62 -24.78 -19.29
CA GLY C 91 13.73 -25.34 -18.50
C GLY C 91 14.99 -24.55 -18.78
N THR C 92 15.16 -24.18 -20.06
CA THR C 92 16.27 -23.33 -20.49
C THR C 92 15.84 -21.86 -20.65
N CYS C 93 15.00 -21.39 -19.71
CA CYS C 93 14.59 -20.00 -19.70
C CYS C 93 15.22 -19.29 -18.52
N LYS C 94 15.61 -18.05 -18.77
CA LYS C 94 16.41 -17.31 -17.84
C LYS C 94 15.72 -15.99 -17.55
N GLU C 95 16.02 -15.42 -16.40
CA GLU C 95 15.53 -14.10 -16.04
C GLU C 95 16.69 -13.14 -15.83
N THR C 96 17.86 -13.51 -16.33
CA THR C 96 19.06 -12.71 -16.14
C THR C 96 19.83 -12.56 -17.43
N PHE C 97 20.65 -11.51 -17.49
CA PHE C 97 21.65 -11.37 -18.52
C PHE C 97 22.98 -10.97 -17.90
N ASN C 98 24.03 -11.14 -18.71
CA ASN C 98 25.39 -10.90 -18.23
C ASN C 98 25.91 -9.60 -18.81
N LEU C 99 26.74 -8.93 -18.03
CA LEU C 99 27.30 -7.63 -18.38
C LEU C 99 28.83 -7.70 -18.41
N TYR C 100 29.41 -7.28 -19.52
CA TYR C 100 30.86 -7.37 -19.68
C TYR C 100 31.53 -6.08 -20.13
N TYR C 101 32.84 -6.03 -19.93
CA TYR C 101 33.64 -4.98 -20.53
C TYR C 101 34.97 -5.52 -21.05
N TYR C 102 35.52 -4.84 -22.04
CA TYR C 102 36.83 -5.18 -22.58
C TYR C 102 37.63 -3.89 -22.73
N GLU C 103 38.79 -3.85 -22.11
CA GLU C 103 39.63 -2.67 -22.16
C GLU C 103 40.56 -2.68 -23.35
N SER C 104 40.55 -1.62 -24.15
CA SER C 104 41.46 -1.55 -25.28
C SER C 104 41.97 -0.15 -25.56
N ASP C 105 43.24 -0.09 -25.97
CA ASP C 105 43.80 1.09 -26.63
C ASP C 105 43.29 1.22 -28.05
N ASN C 106 42.99 0.07 -28.67
CA ASN C 106 42.46 0.05 -30.03
C ASN C 106 41.01 0.46 -30.09
N ASP C 107 40.73 1.55 -30.80
CA ASP C 107 39.36 2.06 -30.89
C ASP C 107 38.53 1.56 -32.08
N LYS C 108 39.14 0.78 -32.97
CA LYS C 108 38.42 0.14 -34.07
C LYS C 108 38.57 -1.39 -34.02
N GLU C 109 38.39 -1.99 -32.85
CA GLU C 109 38.40 -3.46 -32.74
C GLU C 109 37.10 -3.92 -33.39
N ARG C 110 37.14 -4.99 -34.18
CA ARG C 110 35.93 -5.40 -34.92
C ARG C 110 35.36 -6.77 -34.59
N PHE C 111 36.21 -7.73 -34.27
CA PHE C 111 35.71 -9.03 -33.78
C PHE C 111 36.48 -9.43 -32.53
N ILE C 112 35.88 -9.09 -31.39
CA ILE C 112 36.45 -9.34 -30.07
C ILE C 112 35.90 -10.67 -29.62
N ARG C 113 36.80 -11.56 -29.20
CA ARG C 113 36.41 -12.90 -28.79
C ARG C 113 35.65 -12.81 -27.47
N GLU C 114 34.73 -13.73 -27.25
CA GLU C 114 34.04 -13.90 -25.97
C GLU C 114 34.99 -13.88 -24.78
N ASN C 115 36.07 -14.64 -24.87
CA ASN C 115 36.93 -14.87 -23.74
C ASN C 115 37.91 -13.74 -23.51
N GLN C 116 37.74 -12.64 -24.23
CA GLN C 116 38.45 -11.37 -23.96
C GLN C 116 37.63 -10.48 -23.05
N PHE C 117 36.30 -10.63 -23.10
CA PHE C 117 35.38 -9.79 -22.31
C PHE C 117 35.41 -10.15 -20.84
N VAL C 118 35.41 -9.15 -19.95
CA VAL C 118 35.50 -9.40 -18.51
C VAL C 118 34.14 -9.17 -17.87
N LYS C 119 33.77 -10.09 -17.00
CA LYS C 119 32.41 -10.13 -16.48
C LYS C 119 32.28 -9.18 -15.32
N ILE C 120 31.34 -8.25 -15.45
CA ILE C 120 31.09 -7.26 -14.43
C ILE C 120 30.06 -7.81 -13.45
N ASP C 121 28.95 -8.34 -13.98
CA ASP C 121 27.91 -8.96 -13.13
C ASP C 121 26.86 -9.70 -13.95
N THR C 122 26.19 -10.63 -13.30
CA THR C 122 24.90 -11.13 -13.76
C THR C 122 23.81 -10.15 -13.31
N ILE C 123 23.11 -9.54 -14.26
CA ILE C 123 22.10 -8.55 -13.95
C ILE C 123 20.72 -9.20 -13.98
N ALA C 124 19.95 -8.99 -12.91
CA ALA C 124 18.61 -9.55 -12.76
C ALA C 124 17.62 -8.45 -12.39
N ALA C 125 16.35 -8.67 -12.70
CA ALA C 125 15.31 -7.80 -12.19
C ALA C 125 15.38 -7.90 -10.68
N ASP C 126 15.75 -6.80 -10.03
CA ASP C 126 15.95 -6.82 -8.58
C ASP C 126 14.97 -5.82 -7.99
N GLU C 127 15.38 -5.05 -7.00
CA GLU C 127 14.42 -4.26 -6.21
C GLU C 127 14.29 -2.78 -6.58
N SER C 128 15.13 -2.28 -7.50
CA SER C 128 15.07 -0.86 -7.88
C SER C 128 14.37 -0.62 -9.20
N PHE C 129 13.62 0.48 -9.25
N PHE C 129 13.59 0.45 -9.27
CA PHE C 129 12.69 0.78 -10.33
CA PHE C 129 12.84 0.76 -10.47
C PHE C 129 12.77 2.25 -10.73
C PHE C 129 12.75 2.25 -10.73
N THR C 130 12.21 2.58 -11.90
CA THR C 130 12.21 3.92 -12.44
C THR C 130 11.00 3.98 -13.35
N GLN C 131 10.48 5.19 -13.57
CA GLN C 131 9.25 5.37 -14.33
C GLN C 131 9.36 6.46 -15.39
N VAL C 132 9.53 6.01 -16.63
CA VAL C 132 9.57 6.88 -17.80
C VAL C 132 8.16 7.10 -18.34
N ASP C 133 7.66 8.32 -18.19
CA ASP C 133 6.39 8.75 -18.79
C ASP C 133 6.59 8.90 -20.31
N ILE C 134 5.85 8.15 -21.12
CA ILE C 134 5.97 8.28 -22.58
C ILE C 134 4.66 8.75 -23.25
N GLY C 135 3.93 9.64 -22.58
CA GLY C 135 2.85 10.40 -23.21
C GLY C 135 1.46 9.88 -22.96
N ASP C 136 1.26 8.60 -23.25
CA ASP C 136 -0.03 7.91 -23.03
C ASP C 136 0.13 6.99 -21.82
N ARG C 137 1.19 6.19 -21.86
CA ARG C 137 1.45 5.18 -20.85
C ARG C 137 2.65 5.59 -19.99
N ILE C 138 3.00 4.74 -19.03
CA ILE C 138 4.15 4.94 -18.16
C ILE C 138 4.92 3.61 -18.11
N MET C 139 6.12 3.58 -18.71
CA MET C 139 6.98 2.39 -18.66
C MET C 139 7.57 2.24 -17.25
N LYS C 140 7.33 1.09 -16.61
CA LYS C 140 7.95 0.80 -15.33
C LYS C 140 9.11 -0.13 -15.58
N LEU C 141 10.33 0.37 -15.38
CA LEU C 141 11.54 -0.40 -15.67
C LEU C 141 12.26 -0.70 -14.38
N ASN C 142 13.10 -1.71 -14.42
CA ASN C 142 14.08 -1.93 -13.40
C ASN C 142 15.21 -0.99 -13.77
N THR C 143 16.07 -0.70 -12.80
CA THR C 143 17.29 0.08 -13.05
C THR C 143 18.35 -0.52 -12.19
N GLU C 144 19.54 -0.69 -12.75
CA GLU C 144 20.65 -1.25 -12.03
C GLU C 144 21.88 -0.45 -12.34
N ILE C 145 22.82 -0.39 -11.42
CA ILE C 145 24.01 0.42 -11.64
C ILE C 145 25.20 -0.34 -11.11
N ARG C 146 26.28 -0.32 -11.87
CA ARG C 146 27.53 -0.96 -11.48
C ARG C 146 28.69 -0.06 -11.79
N ASP C 147 29.71 -0.13 -10.94
CA ASP C 147 30.96 0.59 -11.17
C ASP C 147 31.99 -0.42 -11.69
N VAL C 148 32.86 0.03 -12.57
CA VAL C 148 33.99 -0.78 -13.02
C VAL C 148 35.23 0.06 -12.79
N GLY C 149 36.29 -0.59 -12.34
CA GLY C 149 37.51 0.10 -11.96
C GLY C 149 38.44 -0.90 -11.31
N PRO C 150 39.74 -0.65 -11.29
CA PRO C 150 40.39 0.47 -11.96
C PRO C 150 40.53 0.21 -13.45
N LEU C 151 40.53 1.28 -14.24
CA LEU C 151 40.78 1.22 -15.69
C LEU C 151 42.23 1.62 -16.01
N SER C 152 42.77 1.13 -17.13
CA SER C 152 44.17 1.34 -17.43
C SER C 152 44.54 1.28 -18.92
N LYS C 153 43.57 1.47 -19.82
CA LYS C 153 43.78 1.55 -21.25
C LYS C 153 43.00 2.76 -21.75
N LYS C 154 43.21 3.18 -23.00
CA LYS C 154 42.62 4.43 -23.47
C LYS C 154 41.12 4.42 -23.55
N GLY C 155 40.51 3.24 -23.58
CA GLY C 155 39.05 3.13 -23.66
C GLY C 155 38.60 1.71 -23.38
N PHE C 156 37.33 1.43 -23.64
CA PHE C 156 36.78 0.10 -23.43
C PHE C 156 35.51 -0.11 -24.25
N TYR C 157 35.12 -1.36 -24.42
CA TYR C 157 33.86 -1.78 -25.04
C TYR C 157 32.97 -2.40 -23.98
N LEU C 158 31.69 -2.04 -23.96
CA LEU C 158 30.71 -2.74 -23.11
C LEU C 158 30.03 -3.88 -23.90
N ALA C 159 29.84 -5.04 -23.28
CA ALA C 159 29.04 -6.10 -23.93
C ALA C 159 27.85 -6.56 -23.07
N PHE C 160 26.79 -7.00 -23.74
CA PHE C 160 25.64 -7.64 -23.10
C PHE C 160 25.50 -9.04 -23.68
N GLN C 161 25.48 -10.06 -22.81
CA GLN C 161 25.26 -11.45 -23.23
C GLN C 161 23.91 -11.97 -22.76
N ASP C 162 23.12 -12.47 -23.71
CA ASP C 162 21.87 -13.14 -23.37
C ASP C 162 22.00 -14.64 -23.65
N VAL C 163 21.65 -15.47 -22.67
CA VAL C 163 21.77 -16.93 -22.83
C VAL C 163 20.40 -17.64 -22.87
N GLY C 164 19.33 -16.87 -23.01
CA GLY C 164 17.99 -17.38 -23.32
C GLY C 164 16.93 -16.72 -22.42
N ALA C 165 16.87 -15.40 -22.42
CA ALA C 165 15.90 -14.66 -21.61
C ALA C 165 15.08 -13.76 -22.50
N CYS C 166 14.05 -13.12 -21.92
CA CYS C 166 13.22 -12.16 -22.64
C CYS C 166 13.55 -10.79 -22.05
N ILE C 167 14.56 -10.13 -22.62
CA ILE C 167 15.08 -8.85 -22.12
C ILE C 167 14.83 -7.71 -23.08
N ALA C 168 14.41 -6.57 -22.53
CA ALA C 168 14.47 -5.31 -23.28
C ALA C 168 15.38 -4.35 -22.53
N LEU C 169 16.50 -3.99 -23.15
CA LEU C 169 17.37 -2.91 -22.63
C LEU C 169 16.84 -1.60 -23.16
N VAL C 170 16.35 -0.75 -22.28
CA VAL C 170 15.76 0.52 -22.73
C VAL C 170 16.76 1.67 -22.72
N SER C 171 17.74 1.60 -21.83
CA SER C 171 18.66 2.71 -21.68
C SER C 171 19.96 2.26 -21.05
N VAL C 172 21.07 2.74 -21.62
CA VAL C 172 22.42 2.52 -21.09
C VAL C 172 23.15 3.86 -21.04
N ARG C 173 23.42 4.34 -19.84
CA ARG C 173 24.23 5.52 -19.67
C ARG C 173 25.47 5.09 -18.94
N VAL C 174 26.62 5.66 -19.32
CA VAL C 174 27.90 5.35 -18.70
C VAL C 174 28.54 6.66 -18.28
N PHE C 175 29.01 6.74 -17.05
CA PHE C 175 29.64 7.96 -16.66
C PHE C 175 30.86 7.79 -15.78
N TYR C 176 31.54 8.89 -15.56
CA TYR C 176 32.49 8.97 -14.49
C TYR C 176 32.28 10.24 -13.70
N LYS C 177 32.99 10.29 -12.57
CA LYS C 177 32.96 11.44 -11.68
C LYS C 177 34.26 12.23 -11.73
N LYS C 178 34.13 13.55 -11.67
CA LYS C 178 35.26 14.49 -11.64
C LYS C 178 35.96 14.53 -10.28
N ALA C 179 37.21 14.99 -10.26
N GLY D 3 -13.20 -17.05 11.92
CA GLY D 3 -11.85 -17.61 11.62
C GLY D 3 -10.76 -16.55 11.61
N ASN D 4 -10.83 -15.67 10.62
CA ASN D 4 -9.75 -14.72 10.32
C ASN D 4 -9.61 -13.59 11.37
N GLU D 5 -10.64 -13.42 12.18
CA GLU D 5 -10.72 -12.31 13.11
C GLU D 5 -10.24 -12.74 14.48
N VAL D 6 -9.56 -11.83 15.14
CA VAL D 6 -9.07 -12.03 16.48
C VAL D 6 -9.52 -10.78 17.20
N THR D 7 -10.34 -10.97 18.22
CA THR D 7 -11.00 -9.89 18.94
C THR D 7 -10.05 -9.31 19.96
N LEU D 8 -10.02 -7.98 20.04
CA LEU D 8 -9.18 -7.26 21.02
C LEU D 8 -9.98 -6.67 22.19
N LEU D 9 -11.22 -6.31 21.92
CA LEU D 9 -12.15 -5.86 22.93
C LEU D 9 -13.53 -6.28 22.49
N ASP D 10 -14.39 -6.62 23.44
CA ASP D 10 -15.78 -6.93 23.12
C ASP D 10 -16.65 -6.76 24.35
N SER D 11 -17.46 -5.72 24.33
CA SER D 11 -18.22 -5.31 25.50
C SER D 11 -19.38 -6.25 25.85
N ARG D 12 -19.80 -7.07 24.88
CA ARG D 12 -20.87 -8.07 25.06
C ARG D 12 -20.42 -9.30 25.83
N SER D 13 -19.13 -9.57 25.83
CA SER D 13 -18.58 -10.74 26.50
C SER D 13 -17.89 -10.40 27.81
N VAL D 14 -18.00 -9.16 28.26
CA VAL D 14 -17.37 -8.81 29.54
C VAL D 14 -18.25 -9.30 30.68
N GLN D 15 -17.61 -9.95 31.64
CA GLN D 15 -18.29 -10.43 32.84
C GLN D 15 -18.12 -9.38 33.95
N GLY D 16 -19.23 -8.98 34.54
CA GLY D 16 -19.24 -7.95 35.56
C GLY D 16 -19.38 -6.61 34.87
N GLU D 17 -19.13 -5.53 35.61
CA GLU D 17 -19.23 -4.20 35.05
C GLU D 17 -18.01 -3.88 34.19
N LEU D 18 -18.23 -2.99 33.21
CA LEU D 18 -17.18 -2.50 32.33
C LEU D 18 -16.23 -1.58 33.08
N GLY D 19 -16.77 -0.64 33.86
CA GLY D 19 -15.97 0.39 34.52
C GLY D 19 -14.94 0.93 33.54
N TRP D 20 -15.43 1.41 32.41
CA TRP D 20 -14.62 2.18 31.50
C TRP D 20 -14.61 3.57 32.14
N ILE D 21 -13.47 4.25 32.10
CA ILE D 21 -13.30 5.57 32.70
C ILE D 21 -14.15 6.60 31.96
N ALA D 22 -15.00 7.31 32.70
CA ALA D 22 -15.86 8.33 32.11
C ALA D 22 -15.50 9.70 32.69
N SER D 23 -15.51 10.74 31.85
CA SER D 23 -15.23 12.10 32.31
C SER D 23 -16.28 13.08 31.78
N PRO D 24 -17.03 13.76 32.65
CA PRO D 24 -16.99 13.59 34.10
C PRO D 24 -17.42 12.20 34.57
N LEU D 25 -17.10 11.89 35.83
CA LEU D 25 -17.38 10.58 36.39
C LEU D 25 -18.87 10.34 36.60
N GLU D 26 -19.61 11.44 36.73
CA GLU D 26 -20.98 11.40 37.21
C GLU D 26 -21.85 12.38 36.43
N GLY D 27 -22.96 11.88 35.91
CA GLY D 27 -23.93 12.72 35.19
C GLY D 27 -23.67 12.84 33.71
N GLY D 28 -22.58 12.24 33.22
CA GLY D 28 -22.40 12.05 31.78
C GLY D 28 -22.73 10.61 31.37
N TRP D 29 -21.73 9.90 30.86
CA TRP D 29 -21.93 8.52 30.45
C TRP D 29 -22.13 7.67 31.70
N GLU D 30 -23.21 6.87 31.73
CA GLU D 30 -23.44 5.93 32.85
C GLU D 30 -23.61 4.51 32.32
N GLU D 31 -23.17 3.53 33.10
CA GLU D 31 -23.38 2.14 32.79
C GLU D 31 -24.87 1.76 33.01
N VAL D 32 -25.52 1.22 31.97
CA VAL D 32 -26.91 0.74 32.07
C VAL D 32 -26.99 -0.72 31.61
N SER D 33 -27.44 -1.59 32.52
CA SER D 33 -27.65 -3.00 32.20
C SER D 33 -29.04 -3.23 31.58
N ILE D 34 -29.07 -3.87 30.41
CA ILE D 34 -30.32 -4.32 29.79
C ILE D 34 -30.38 -5.85 29.83
N MET D 35 -31.51 -6.41 30.26
CA MET D 35 -31.59 -7.84 30.57
C MET D 35 -32.23 -8.65 29.45
N ASP D 36 -31.69 -9.85 29.25
CA ASP D 36 -32.43 -10.97 28.63
C ASP D 36 -33.46 -11.47 29.64
N THR D 40 -29.85 -12.41 31.47
CA THR D 40 -28.44 -12.08 31.68
C THR D 40 -28.06 -10.72 31.05
N PRO D 41 -27.19 -9.93 31.72
CA PRO D 41 -27.10 -8.50 31.40
C PRO D 41 -26.28 -8.11 30.14
N ILE D 42 -26.85 -7.19 29.36
CA ILE D 42 -26.18 -6.54 28.24
C ILE D 42 -25.68 -5.18 28.72
N ARG D 43 -24.37 -4.98 28.70
CA ARG D 43 -23.79 -3.84 29.39
C ARG D 43 -23.56 -2.66 28.45
N THR D 44 -24.45 -1.67 28.56
CA THR D 44 -24.50 -0.51 27.68
C THR D 44 -23.87 0.71 28.34
N TYR D 45 -23.85 1.82 27.63
CA TYR D 45 -23.34 3.10 28.15
C TYR D 45 -24.24 4.14 27.52
N GLN D 46 -24.69 5.10 28.32
CA GLN D 46 -25.72 6.03 27.89
C GLN D 46 -25.46 7.41 28.46
N VAL D 47 -25.92 8.41 27.74
CA VAL D 47 -25.91 9.77 28.22
C VAL D 47 -27.02 10.46 27.46
N CYS D 48 -27.86 11.22 28.19
CA CYS D 48 -28.95 11.94 27.57
C CYS D 48 -29.25 13.22 28.35
N ASN D 49 -28.35 14.20 28.22
CA ASN D 49 -28.41 15.50 28.92
C ASN D 49 -28.79 16.61 27.95
N VAL D 50 -29.89 16.38 27.24
CA VAL D 50 -30.42 17.30 26.25
C VAL D 50 -31.18 18.50 26.87
N MET D 51 -31.40 18.46 28.18
CA MET D 51 -32.03 19.59 28.87
C MET D 51 -31.02 20.54 29.48
N GLU D 52 -29.74 20.22 29.34
CA GLU D 52 -28.66 20.91 30.02
C GLU D 52 -27.65 21.36 28.96
N PRO D 53 -27.23 22.64 28.98
CA PRO D 53 -26.40 23.20 27.92
C PRO D 53 -24.91 22.85 28.05
N SER D 54 -24.16 23.06 26.97
CA SER D 54 -22.70 22.90 26.98
C SER D 54 -22.29 21.51 27.43
N GLN D 55 -22.79 20.50 26.74
CA GLN D 55 -22.41 19.11 27.03
C GLN D 55 -21.09 18.75 26.37
N ASN D 56 -20.24 18.09 27.13
CA ASN D 56 -18.98 17.60 26.63
C ASN D 56 -18.59 16.41 27.48
N ASN D 57 -19.30 15.31 27.28
CA ASN D 57 -19.11 14.11 28.09
C ASN D 57 -18.22 13.09 27.39
N TRP D 58 -17.17 12.65 28.09
CA TRP D 58 -16.21 11.74 27.52
C TRP D 58 -16.26 10.38 28.21
N LEU D 59 -16.13 9.33 27.41
CA LEU D 59 -16.06 7.93 27.87
C LEU D 59 -14.88 7.31 27.16
N ARG D 60 -14.04 6.63 27.92
CA ARG D 60 -12.83 6.06 27.39
C ARG D 60 -12.73 4.61 27.85
N THR D 61 -12.32 3.73 26.94
CA THR D 61 -12.09 2.31 27.29
C THR D 61 -10.83 2.15 28.09
N ASP D 62 -10.67 0.98 28.71
CA ASP D 62 -9.36 0.58 29.23
C ASP D 62 -8.40 0.40 28.04
N TRP D 63 -7.12 0.26 28.35
CA TRP D 63 -6.05 0.15 27.35
C TRP D 63 -6.14 -1.17 26.58
N ILE D 64 -6.26 -1.10 25.26
CA ILE D 64 -6.41 -2.28 24.43
C ILE D 64 -5.09 -2.65 23.76
N THR D 65 -4.54 -3.81 24.14
CA THR D 65 -3.31 -4.25 23.54
C THR D 65 -3.56 -4.38 22.04
N ARG D 66 -2.53 -4.06 21.28
CA ARG D 66 -2.59 -4.13 19.84
C ARG D 66 -2.28 -5.56 19.38
N GLU D 67 -1.67 -6.36 20.25
CA GLU D 67 -0.91 -7.53 19.84
C GLU D 67 0.08 -7.08 18.74
N GLY D 68 0.17 -7.79 17.62
CA GLY D 68 1.04 -7.33 16.54
C GLY D 68 0.31 -6.67 15.39
N ALA D 69 -0.84 -6.07 15.67
CA ALA D 69 -1.73 -5.63 14.62
C ALA D 69 -1.31 -4.27 14.09
N GLN D 70 -1.58 -4.05 12.81
CA GLN D 70 -1.28 -2.82 12.11
C GLN D 70 -2.56 -2.05 11.86
N ARG D 71 -3.68 -2.75 11.80
CA ARG D 71 -4.94 -2.13 11.47
C ARG D 71 -5.99 -2.80 12.31
N VAL D 72 -6.83 -1.99 12.95
CA VAL D 72 -7.87 -2.53 13.77
C VAL D 72 -9.19 -2.08 13.19
N TYR D 73 -10.25 -2.78 13.60
CA TYR D 73 -11.57 -2.55 13.08
C TYR D 73 -12.49 -2.49 14.28
N ILE D 74 -13.31 -1.46 14.31
CA ILE D 74 -14.07 -1.05 15.45
C ILE D 74 -15.54 -1.12 15.08
N GLU D 75 -16.31 -1.90 15.83
CA GLU D 75 -17.71 -2.08 15.51
C GLU D 75 -18.58 -1.68 16.69
N ILE D 76 -19.44 -0.70 16.44
CA ILE D 76 -20.32 -0.21 17.45
C ILE D 76 -21.72 -0.35 16.99
N LYS D 77 -22.58 -0.83 17.88
CA LYS D 77 -24.03 -0.86 17.68
C LYS D 77 -24.67 0.06 18.71
N PHE D 78 -25.60 0.89 18.25
CA PHE D 78 -26.04 2.03 19.03
C PHE D 78 -27.39 2.54 18.56
N THR D 79 -28.05 3.33 19.42
CA THR D 79 -29.32 3.95 19.08
C THR D 79 -29.44 5.35 19.68
N LEU D 80 -30.08 6.25 18.94
CA LEU D 80 -30.35 7.59 19.45
C LEU D 80 -31.83 7.86 19.44
N ARG D 81 -32.31 8.48 20.53
CA ARG D 81 -33.67 9.01 20.58
C ARG D 81 -33.71 10.21 19.64
N ASP D 82 -34.74 10.30 18.79
CA ASP D 82 -34.90 11.41 17.84
C ASP D 82 -35.17 12.74 18.56
N CYS D 83 -34.48 13.79 18.13
CA CYS D 83 -34.61 15.10 18.78
C CYS D 83 -35.95 15.80 18.51
N ASN D 84 -36.59 15.42 17.40
CA ASN D 84 -37.94 15.90 17.04
C ASN D 84 -39.05 15.41 17.99
N SER D 85 -38.78 14.33 18.70
CA SER D 85 -39.70 13.73 19.64
C SER D 85 -39.53 14.28 21.06
N LEU D 86 -38.45 15.03 21.32
CA LEU D 86 -38.14 15.51 22.67
C LEU D 86 -38.57 16.98 22.87
N PRO D 87 -39.23 17.28 24.00
CA PRO D 87 -39.74 18.64 24.25
C PRO D 87 -38.62 19.65 24.59
N GLY D 88 -38.61 20.80 23.90
CA GLY D 88 -37.74 21.93 24.25
C GLY D 88 -36.29 21.88 23.80
N VAL D 89 -35.97 21.04 22.81
CA VAL D 89 -34.57 20.78 22.44
C VAL D 89 -34.21 20.98 20.95
N MET D 90 -35.20 21.29 20.10
CA MET D 90 -34.90 21.52 18.69
C MET D 90 -33.99 22.75 18.51
N GLY D 91 -32.90 22.56 17.75
CA GLY D 91 -31.88 23.60 17.56
C GLY D 91 -30.65 23.35 18.41
N THR D 92 -30.75 22.39 19.34
CA THR D 92 -29.72 22.22 20.36
C THR D 92 -29.36 20.74 20.58
N CYS D 93 -30.36 19.86 20.45
CA CYS D 93 -30.18 18.41 20.55
C CYS D 93 -29.41 17.87 19.35
N LYS D 94 -28.45 16.98 19.60
CA LYS D 94 -27.67 16.34 18.56
C LYS D 94 -28.15 14.91 18.36
N GLU D 95 -27.81 14.34 17.21
CA GLU D 95 -28.06 12.95 16.91
C GLU D 95 -26.79 12.32 16.32
N THR D 96 -25.63 12.76 16.80
CA THR D 96 -24.36 12.14 16.44
C THR D 96 -23.52 12.12 17.69
N PHE D 97 -22.43 11.38 17.60
CA PHE D 97 -21.40 11.38 18.63
C PHE D 97 -20.07 11.10 17.96
N ASN D 98 -19.01 11.54 18.59
CA ASN D 98 -17.71 11.54 17.98
C ASN D 98 -16.95 10.40 18.61
N LEU D 99 -16.14 9.73 17.78
CA LEU D 99 -15.33 8.58 18.14
C LEU D 99 -13.85 8.96 17.98
N TYR D 100 -13.02 8.52 18.93
CA TYR D 100 -11.59 8.86 18.97
C TYR D 100 -10.68 7.66 19.31
N TYR D 101 -9.38 7.75 19.04
CA TYR D 101 -8.42 6.89 19.71
C TYR D 101 -7.19 7.63 20.14
N TYR D 102 -6.40 6.97 20.99
CA TYR D 102 -5.09 7.48 21.33
C TYR D 102 -4.16 6.30 21.59
N GLU D 103 -3.09 6.22 20.81
CA GLU D 103 -2.16 5.11 20.86
C GLU D 103 -1.25 5.36 22.04
N SER D 104 -0.93 4.31 22.78
CA SER D 104 -0.06 4.50 23.93
C SER D 104 0.63 3.21 24.33
N ASP D 105 1.87 3.34 24.78
CA ASP D 105 2.61 2.29 25.46
C ASP D 105 2.20 2.20 26.92
N ASN D 106 1.51 3.23 27.41
CA ASN D 106 1.18 3.33 28.82
C ASN D 106 -0.23 2.79 29.03
N ASP D 107 -0.29 1.61 29.66
CA ASP D 107 -1.56 1.00 30.01
C ASP D 107 -2.24 1.59 31.26
N LYS D 108 -1.55 2.44 32.02
CA LYS D 108 -2.17 3.13 33.16
C LYS D 108 -2.14 4.65 33.00
N GLU D 109 -2.72 5.15 31.92
CA GLU D 109 -2.85 6.59 31.70
C GLU D 109 -4.02 7.10 32.54
N ARG D 110 -3.75 7.56 33.76
CA ARG D 110 -4.85 8.08 34.60
C ARG D 110 -5.40 9.41 34.08
N PHE D 111 -4.65 10.10 33.22
CA PHE D 111 -5.30 11.08 32.37
C PHE D 111 -4.67 11.37 31.00
N ILE D 112 -5.56 11.49 30.02
CA ILE D 112 -5.24 11.77 28.64
C ILE D 112 -6.13 12.95 28.23
N ARG D 113 -5.56 13.89 27.48
CA ARG D 113 -6.17 15.19 27.26
C ARG D 113 -6.91 15.21 25.94
N GLU D 114 -7.88 16.12 25.81
CA GLU D 114 -8.74 16.18 24.63
C GLU D 114 -7.97 16.18 23.29
N ASN D 115 -6.76 16.73 23.31
CA ASN D 115 -5.98 16.94 22.09
C ASN D 115 -4.88 15.89 21.86
N GLN D 116 -4.81 14.89 22.72
CA GLN D 116 -4.07 13.68 22.39
C GLN D 116 -4.99 12.67 21.72
N PHE D 117 -6.29 12.90 21.72
CA PHE D 117 -7.20 11.96 21.08
C PHE D 117 -7.33 12.31 19.60
N VAL D 118 -7.07 11.30 18.75
CA VAL D 118 -7.18 11.41 17.30
C VAL D 118 -8.60 11.03 16.91
N LYS D 119 -9.25 11.91 16.15
CA LYS D 119 -10.64 11.74 15.78
C LYS D 119 -10.76 10.73 14.65
N ILE D 120 -11.52 9.65 14.88
CA ILE D 120 -11.81 8.66 13.84
C ILE D 120 -12.95 9.14 12.97
N ASP D 121 -14.09 9.47 13.57
CA ASP D 121 -15.23 9.99 12.81
C ASP D 121 -16.33 10.51 13.71
N THR D 122 -17.14 11.40 13.16
CA THR D 122 -18.45 11.66 13.72
C THR D 122 -19.37 10.49 13.34
N ILE D 123 -19.83 9.74 14.33
CA ILE D 123 -20.78 8.63 14.07
C ILE D 123 -22.21 9.12 14.09
N ALA D 124 -22.99 8.78 13.05
CA ALA D 124 -24.43 9.01 13.03
C ALA D 124 -25.20 7.79 12.50
N ALA D 125 -26.48 7.69 12.87
CA ALA D 125 -27.39 6.72 12.25
C ALA D 125 -27.37 6.92 10.76
N ASP D 126 -27.16 5.85 10.01
CA ASP D 126 -26.92 5.93 8.56
C ASP D 126 -27.85 4.96 7.82
N GLU D 127 -27.35 4.04 6.98
CA GLU D 127 -28.24 3.11 6.27
C GLU D 127 -28.09 1.71 6.81
N SER D 128 -27.37 1.59 7.90
CA SER D 128 -26.86 0.32 8.32
C SER D 128 -27.41 -0.05 9.69
N PHE D 129 -28.34 -1.01 9.71
CA PHE D 129 -29.02 -1.45 10.93
C PHE D 129 -28.71 -2.89 11.31
N THR D 130 -29.09 -3.26 12.52
CA THR D 130 -29.04 -4.65 12.92
C THR D 130 -30.11 -4.94 13.96
N GLN D 131 -30.29 -6.24 14.24
CA GLN D 131 -31.30 -6.71 15.18
C GLN D 131 -30.78 -7.78 16.16
N VAL D 132 -30.79 -7.46 17.44
CA VAL D 132 -30.56 -8.44 18.49
C VAL D 132 -31.86 -8.66 19.25
N ASP D 133 -32.35 -9.89 19.29
CA ASP D 133 -33.48 -10.16 20.19
C ASP D 133 -32.96 -10.54 21.57
N ILE D 134 -33.74 -10.17 22.59
CA ILE D 134 -33.34 -10.41 23.97
C ILE D 134 -34.44 -11.18 24.71
N GLY D 135 -35.10 -12.09 23.97
CA GLY D 135 -36.20 -12.90 24.47
C GLY D 135 -37.56 -12.26 24.26
N ASP D 136 -37.67 -10.98 24.62
CA ASP D 136 -38.95 -10.31 24.86
C ASP D 136 -39.31 -9.36 23.73
N ARG D 137 -38.40 -8.42 23.49
CA ARG D 137 -38.50 -7.47 22.41
C ARG D 137 -37.23 -7.60 21.57
N ILE D 138 -37.26 -7.02 20.37
CA ILE D 138 -36.08 -6.95 19.51
C ILE D 138 -35.47 -5.56 19.58
N MET D 139 -34.20 -5.48 19.95
CA MET D 139 -33.45 -4.24 19.81
C MET D 139 -33.20 -4.04 18.30
N LYS D 140 -33.77 -3.00 17.74
CA LYS D 140 -33.43 -2.56 16.39
C LYS D 140 -32.45 -1.39 16.51
N LEU D 141 -31.19 -1.68 16.21
CA LEU D 141 -30.07 -0.79 16.41
C LEU D 141 -29.30 -0.48 15.12
N ASN D 142 -28.64 0.68 15.12
CA ASN D 142 -27.69 1.01 14.09
C ASN D 142 -26.39 0.29 14.34
N THR D 143 -25.67 0.00 13.25
CA THR D 143 -24.41 -0.69 13.29
C THR D 143 -23.41 0.00 12.33
N GLU D 144 -22.20 0.23 12.82
CA GLU D 144 -21.27 1.05 12.11
C GLU D 144 -19.90 0.53 12.40
N ILE D 145 -19.12 0.38 11.35
CA ILE D 145 -17.77 -0.13 11.53
C ILE D 145 -16.76 0.87 10.94
N ARG D 146 -15.56 0.93 11.50
CA ARG D 146 -14.52 1.85 11.04
C ARG D 146 -13.17 1.19 11.22
N ASP D 147 -12.25 1.41 10.28
CA ASP D 147 -10.88 0.93 10.47
C ASP D 147 -9.98 2.05 10.95
N VAL D 148 -8.79 1.66 11.39
CA VAL D 148 -7.83 2.55 12.01
C VAL D 148 -6.42 2.02 11.84
N GLY D 149 -5.53 2.85 11.36
CA GLY D 149 -4.13 2.48 11.25
C GLY D 149 -3.53 3.46 10.30
N PRO D 150 -2.22 3.54 10.24
CA PRO D 150 -1.33 2.54 10.81
C PRO D 150 -1.24 2.71 12.34
N LEU D 151 -0.81 1.67 13.04
CA LEU D 151 -0.57 1.72 14.48
C LEU D 151 0.91 1.45 14.76
N SER D 152 1.42 1.94 15.87
CA SER D 152 2.82 1.71 16.17
C SER D 152 3.22 1.70 17.64
N LYS D 153 2.24 1.76 18.55
CA LYS D 153 2.52 1.61 19.97
C LYS D 153 1.88 0.34 20.47
N LYS D 154 2.29 -0.08 21.66
CA LYS D 154 1.86 -1.34 22.23
C LYS D 154 0.34 -1.50 22.36
N GLY D 155 -0.40 -0.39 22.48
CA GLY D 155 -1.83 -0.47 22.58
C GLY D 155 -2.51 0.85 22.39
N PHE D 156 -3.76 0.94 22.82
CA PHE D 156 -4.56 2.14 22.58
C PHE D 156 -5.87 2.18 23.34
N TYR D 157 -6.39 3.40 23.41
CA TYR D 157 -7.59 3.72 24.09
C TYR D 157 -8.59 4.24 23.07
N LEU D 158 -9.83 3.79 23.16
CA LEU D 158 -10.93 4.35 22.37
C LEU D 158 -11.73 5.24 23.26
N ALA D 159 -12.33 6.27 22.68
CA ALA D 159 -13.11 7.21 23.47
C ALA D 159 -14.26 7.73 22.66
N PHE D 160 -15.29 8.15 23.40
CA PHE D 160 -16.60 8.51 22.84
C PHE D 160 -16.99 9.86 23.41
N GLN D 161 -17.41 10.77 22.54
CA GLN D 161 -17.72 12.12 22.96
C GLN D 161 -19.15 12.41 22.61
N ASP D 162 -19.95 12.75 23.63
CA ASP D 162 -21.29 13.26 23.43
C ASP D 162 -21.22 14.76 23.66
N VAL D 163 -21.78 15.53 22.72
CA VAL D 163 -21.93 16.97 22.86
C VAL D 163 -23.41 17.40 22.77
N GLY D 164 -24.28 16.70 23.50
CA GLY D 164 -25.70 17.03 23.55
C GLY D 164 -26.62 16.06 22.82
N ALA D 165 -26.20 14.81 22.68
CA ALA D 165 -27.07 13.76 22.13
C ALA D 165 -27.75 12.93 23.21
N CYS D 166 -28.73 12.17 22.77
CA CYS D 166 -29.40 11.20 23.61
C CYS D 166 -29.08 9.83 23.02
N ILE D 167 -28.03 9.22 23.55
CA ILE D 167 -27.39 8.10 22.90
C ILE D 167 -27.23 6.95 23.87
N ALA D 168 -27.48 5.74 23.35
CA ALA D 168 -27.13 4.48 24.03
C ALA D 168 -26.16 3.74 23.15
N LEU D 169 -24.97 3.48 23.68
CA LEU D 169 -23.99 2.58 23.06
C LEU D 169 -24.24 1.20 23.62
N VAL D 170 -24.84 0.32 22.82
CA VAL D 170 -25.22 -1.01 23.31
C VAL D 170 -24.04 -1.99 23.20
N SER D 171 -23.22 -1.81 22.17
CA SER D 171 -22.14 -2.75 21.93
C SER D 171 -20.90 -2.14 21.26
N VAL D 172 -19.73 -2.55 21.74
CA VAL D 172 -18.48 -2.13 21.17
C VAL D 172 -17.59 -3.35 21.01
N ARG D 173 -17.14 -3.59 19.78
CA ARG D 173 -16.17 -4.64 19.54
C ARG D 173 -15.05 -4.13 18.63
N VAL D 174 -13.86 -4.59 18.94
CA VAL D 174 -12.67 -4.12 18.26
C VAL D 174 -11.89 -5.37 17.88
N PHE D 175 -11.55 -5.50 16.61
CA PHE D 175 -10.72 -6.66 16.21
C PHE D 175 -9.69 -6.34 15.16
N TYR D 176 -8.79 -7.31 14.94
CA TYR D 176 -7.94 -7.35 13.78
C TYR D 176 -8.03 -8.65 13.01
N LYS D 177 -7.62 -8.58 11.75
CA LYS D 177 -7.62 -9.71 10.84
C LYS D 177 -6.21 -10.33 10.79
N LYS D 178 -6.14 -11.64 10.96
CA LYS D 178 -4.85 -12.31 11.08
C LYS D 178 -4.44 -12.77 9.67
N ALA D 179 -3.15 -12.70 9.37
N ALA E 1 -32.95 -22.38 -16.12
CA ALA E 1 -33.27 -20.97 -15.71
C ALA E 1 -33.00 -20.85 -14.22
N PRO E 2 -33.01 -19.61 -13.69
CA PRO E 2 -32.99 -19.56 -12.24
C PRO E 2 -34.31 -20.09 -11.68
N TYR E 3 -34.23 -20.86 -10.60
CA TYR E 3 -35.40 -21.35 -9.89
C TYR E 3 -36.15 -20.15 -9.29
N CYS E 4 -35.41 -19.21 -8.68
CA CYS E 4 -35.98 -17.96 -8.12
C CYS E 4 -35.36 -16.68 -8.71
N VAL E 5 -36.18 -15.62 -8.80
CA VAL E 5 -35.77 -14.31 -9.29
C VAL E 5 -36.11 -13.21 -8.27
N TYR E 6 -35.11 -12.47 -7.81
CA TYR E 6 -35.37 -11.29 -6.96
C TYR E 6 -35.84 -10.11 -7.79
N ARG E 7 -37.07 -9.68 -7.55
CA ARG E 7 -37.62 -8.55 -8.28
C ARG E 7 -37.90 -7.36 -7.37
N BAL E 8 -37.33 -7.37 -6.14
CB BAL E 8 -37.49 -6.30 -5.18
CA BAL E 8 -38.79 -6.37 -4.37
C BAL E 8 -38.74 -7.55 -3.44
O BAL E 8 -38.11 -7.41 -2.40
N SER E 9 -39.38 -8.66 -3.83
CA SER E 9 -39.42 -9.93 -3.14
C SER E 9 -38.86 -11.02 -4.07
N TRP E 10 -38.37 -12.10 -3.48
CA TRP E 10 -37.99 -13.28 -4.22
C TRP E 10 -39.23 -14.02 -4.79
N SER E 11 -39.11 -14.43 -6.04
CA SER E 11 -40.17 -15.09 -6.75
C SER E 11 -39.62 -16.40 -7.28
N CYS E 12 -40.10 -17.52 -6.73
CA CYS E 12 -39.66 -18.88 -7.15
C CYS E 12 -40.78 -19.64 -7.83
N NH2 E 13 -40.53 -20.91 -8.17
N ALA F 1 8.19 20.72 16.48
CA ALA F 1 7.62 19.36 16.31
C ALA F 1 7.41 19.09 14.82
N PRO F 2 7.38 17.80 14.43
CA PRO F 2 7.22 17.46 13.01
C PRO F 2 5.91 17.95 12.44
N TYR F 3 5.99 18.72 11.37
CA TYR F 3 4.80 19.10 10.64
C TYR F 3 4.13 17.85 10.05
N CYS F 4 4.93 16.95 9.47
CA CYS F 4 4.46 15.64 8.99
C CYS F 4 5.28 14.52 9.56
N VAL F 5 4.68 13.34 9.56
CA VAL F 5 5.37 12.15 10.02
C VAL F 5 5.05 11.12 8.97
N TYR F 6 6.01 10.26 8.68
CA TYR F 6 5.84 9.22 7.68
C TYR F 6 5.67 7.91 8.42
N ARG F 7 4.51 7.28 8.25
CA ARG F 7 4.25 6.01 8.95
C ARG F 7 3.93 4.84 7.98
N BAL F 8 4.43 4.90 6.74
CB BAL F 8 4.37 3.78 5.82
CA BAL F 8 3.09 3.76 4.99
C BAL F 8 2.88 5.03 4.23
O BAL F 8 3.05 5.05 3.04
N SER F 9 2.42 6.06 4.91
CA SER F 9 1.86 7.25 4.31
C SER F 9 2.40 8.43 5.12
N TRP F 10 2.57 9.57 4.46
CA TRP F 10 2.81 10.83 5.18
C TRP F 10 1.46 11.28 5.73
N SER F 11 1.44 11.69 6.98
CA SER F 11 0.27 12.41 7.52
C SER F 11 0.76 13.72 8.13
N CYS F 12 0.06 14.79 7.79
CA CYS F 12 0.59 16.13 7.89
C CYS F 12 -0.27 17.09 8.73
N NH2 F 13 0.27 18.25 9.08
N ALA G 1 11.64 -15.37 -34.93
CA ALA G 1 10.91 -14.21 -34.34
C ALA G 1 10.90 -14.31 -32.82
N PRO G 2 11.14 -13.19 -32.12
CA PRO G 2 11.02 -13.19 -30.66
C PRO G 2 9.63 -13.56 -30.15
N TYR G 3 9.60 -14.40 -29.12
CA TYR G 3 8.36 -14.78 -28.49
C TYR G 3 7.57 -13.57 -27.97
N CYS G 4 8.25 -12.57 -27.42
CA CYS G 4 7.60 -11.33 -26.99
C CYS G 4 8.38 -10.13 -27.48
N VAL G 5 7.70 -8.99 -27.52
CA VAL G 5 8.32 -7.70 -27.80
C VAL G 5 7.77 -6.68 -26.80
N TYR G 6 8.66 -5.92 -26.18
CA TYR G 6 8.26 -4.89 -25.23
C TYR G 6 7.98 -3.58 -25.95
N ARG G 7 6.75 -3.12 -25.88
CA ARG G 7 6.33 -1.92 -26.58
C ARG G 7 5.99 -0.77 -25.61
N BAL G 8 6.32 -0.89 -24.34
CB BAL G 8 5.99 0.16 -23.39
CA BAL G 8 4.53 0.04 -22.95
C BAL G 8 4.44 -1.25 -22.19
O BAL G 8 5.03 -1.33 -21.13
N SER G 9 3.79 -2.26 -22.74
CA SER G 9 3.78 -3.58 -22.16
C SER G 9 4.38 -4.59 -23.10
N TRP G 10 4.81 -5.70 -22.52
CA TRP G 10 5.11 -6.93 -23.26
C TRP G 10 3.89 -7.49 -23.94
N SER G 11 4.03 -7.86 -25.20
CA SER G 11 3.01 -8.63 -25.90
C SER G 11 3.69 -9.86 -26.45
N CYS G 12 3.19 -11.05 -26.07
CA CYS G 12 3.81 -12.32 -26.43
C CYS G 12 2.89 -13.14 -27.29
N NH2 G 13 3.38 -14.27 -27.82
N ALA H 1 -30.88 15.11 34.84
CA ALA H 1 -29.89 14.03 34.58
C ALA H 1 -30.33 13.26 33.31
N PRO H 2 -30.27 11.91 33.27
CA PRO H 2 -30.77 11.29 32.04
C PRO H 2 -32.25 11.52 31.80
N TYR H 3 -32.59 12.32 30.79
CA TYR H 3 -33.99 12.51 30.41
C TYR H 3 -34.63 11.22 29.84
N CYS H 4 -33.91 10.50 28.97
CA CYS H 4 -34.34 9.17 28.52
C CYS H 4 -33.36 8.07 28.91
N VAL H 5 -33.86 6.84 28.96
CA VAL H 5 -33.03 5.65 29.10
C VAL H 5 -33.48 4.55 28.11
N TYR H 6 -32.52 4.01 27.35
CA TYR H 6 -32.77 2.87 26.48
C TYR H 6 -32.78 1.58 27.29
N ARG H 7 -33.87 0.82 27.22
CA ARG H 7 -33.92 -0.45 27.96
C ARG H 7 -34.25 -1.68 27.07
N BAL H 8 -34.13 -1.52 25.74
CB BAL H 8 -34.28 -2.58 24.77
CA BAL H 8 -35.63 -2.63 24.03
C BAL H 8 -36.10 -1.29 23.48
O BAL H 8 -35.98 -1.07 22.28
N SER H 9 -36.67 -0.46 24.35
CA SER H 9 -37.30 0.80 23.99
C SER H 9 -36.77 1.94 24.86
N TRP H 10 -36.82 3.15 24.32
CA TRP H 10 -36.48 4.36 25.05
C TRP H 10 -37.66 4.78 25.92
N SER H 11 -37.40 5.10 27.19
CA SER H 11 -38.42 5.65 28.08
C SER H 11 -37.99 7.05 28.56
N CYS H 12 -38.74 8.08 28.17
CA CYS H 12 -38.38 9.47 28.51
C CYS H 12 -39.33 10.12 29.51
N NH2 H 13 -39.15 9.88 30.80
O1 HEZ I . -16.48 -21.45 -14.68
C1 HEZ I . -15.04 -21.46 -14.71
C2 HEZ I . -14.51 -20.14 -15.27
C3 HEZ I . -13.37 -19.58 -14.43
C4 HEZ I . -13.01 -18.15 -14.85
C5 HEZ I . -13.07 -17.19 -13.66
C6 HEZ I . -12.44 -15.83 -13.93
O6 HEZ I . -13.30 -14.99 -14.72
O1 HEZ J . -17.30 -7.06 9.21
C1 HEZ J . -17.93 -5.94 8.56
C2 HEZ J . -19.21 -6.42 7.87
C3 HEZ J . -20.02 -5.27 7.29
C4 HEZ J . -21.11 -4.72 8.19
C5 HEZ J . -21.68 -3.45 7.56
C6 HEZ J . -22.54 -2.68 8.56
O6 HEZ J . -22.00 -1.37 8.82
C1 GOL K . -20.23 6.52 4.57
O1 GOL K . -19.82 6.48 5.94
C2 GOL K . -21.36 5.54 4.35
O2 GOL K . -21.99 5.78 3.09
C3 GOL K . -20.80 4.12 4.41
O3 GOL K . -20.14 3.82 3.18
C1 GOL L . -4.78 -5.20 7.14
O1 GOL L . -5.43 -6.16 8.00
C2 GOL L . -3.32 -5.51 6.78
O2 GOL L . -2.58 -5.93 7.94
C3 GOL L . -3.19 -6.58 5.69
O3 GOL L . -3.57 -6.03 4.41
C1 GOL M . -17.21 5.85 -11.04
O1 GOL M . -16.42 6.92 -11.56
C2 GOL M . -18.68 6.13 -11.32
O2 GOL M . -19.17 7.05 -10.34
C3 GOL M . -19.59 4.88 -11.32
O3 GOL M . -18.93 3.61 -11.29
O1 HEZ N . 27.15 -1.17 -7.61
C1 HEZ N . 27.88 0.03 -7.26
C2 HEZ N . 27.14 1.27 -7.71
C3 HEZ N . 27.83 2.54 -7.22
C4 HEZ N . 27.04 3.75 -7.70
C5 HEZ N . 27.42 5.05 -7.01
C6 HEZ N . 26.91 6.19 -7.87
O6 HEZ N . 27.17 7.46 -7.28
O1 HEZ O . 21.59 -1.39 -8.43
C1 HEZ O . 21.11 -0.23 -7.75
C2 HEZ O . 20.27 0.63 -8.69
C3 HEZ O . 19.42 1.66 -7.94
C4 HEZ O . 19.60 3.08 -8.48
C5 HEZ O . 19.65 4.09 -7.33
C6 HEZ O . 20.07 5.49 -7.80
O6 HEZ O . 21.32 5.85 -7.18
C1 GOL P . 10.36 16.72 13.24
O1 GOL P . 10.94 17.92 12.71
C2 GOL P . 11.39 15.83 13.91
O2 GOL P . 11.65 16.40 15.20
C3 GOL P . 10.99 14.36 14.13
O3 GOL P . 10.36 13.68 13.02
C1 GOL Q . 28.40 17.04 15.72
O1 GOL Q . 29.38 16.32 16.48
C2 GOL Q . 27.65 16.08 14.81
O2 GOL Q . 28.24 14.77 14.76
C3 GOL Q . 27.62 16.64 13.40
O3 GOL Q . 27.21 18.01 13.49
C1 GOL R . 34.97 8.82 -3.71
O1 GOL R . 34.62 9.47 -2.46
C2 GOL R . 33.87 9.03 -4.74
O2 GOL R . 33.23 10.30 -4.49
C3 GOL R . 34.45 8.93 -6.15
O3 GOL R . 34.52 10.20 -6.81
C1 GOL S . 25.55 -4.39 11.53
O1 GOL S . 24.68 -3.28 11.25
C2 GOL S . 25.76 -5.28 10.30
O2 GOL S . 24.53 -5.50 9.58
C3 GOL S . 26.35 -6.64 10.71
O3 GOL S . 27.65 -6.81 10.14
C1 GOL T . 44.64 2.50 -9.84
O1 GOL T . 43.67 1.78 -9.05
C2 GOL T . 44.20 2.75 -11.28
O2 GOL T . 44.37 4.14 -11.58
C3 GOL T . 44.96 1.85 -12.28
O3 GOL T . 44.73 2.21 -13.66
C1 GOL U . 33.78 -2.36 -8.48
O1 GOL U . 32.86 -3.39 -8.11
C2 GOL U . 35.16 -2.97 -8.68
O2 GOL U . 36.11 -2.04 -8.18
C3 GOL U . 35.46 -3.20 -10.14
O3 GOL U . 34.36 -3.82 -10.83
C1 GOL V . 27.78 10.38 -24.94
O1 GOL V . 28.64 11.47 -24.60
C2 GOL V . 26.80 10.85 -26.00
O2 GOL V . 26.16 12.06 -25.54
C3 GOL V . 25.75 9.78 -26.27
O3 GOL V . 26.34 8.52 -26.61
C1 GOL W . 30.92 -12.25 -28.90
O1 GOL W . 31.55 -11.15 -29.57
C2 GOL W . 31.12 -13.62 -29.57
O2 GOL W . 32.32 -13.62 -30.35
C3 GOL W . 29.95 -14.04 -30.46
O3 GOL W . 29.52 -15.36 -30.09
O1 HEZ X . -13.89 -5.55 7.66
C1 HEZ X . -14.07 -4.45 6.76
C2 HEZ X . -14.29 -3.22 7.57
C3 HEZ X . -13.91 -1.94 6.86
C4 HEZ X . -14.71 -0.79 7.48
C5 HEZ X . -14.09 0.57 7.24
C6 HEZ X . -15.07 1.49 6.56
O6 HEZ X . -15.66 2.35 7.52
O1 HEZ Y . -10.64 11.20 28.16
C1 HEZ Y . -10.50 12.38 28.97
C2 HEZ Y . -10.89 13.68 28.24
C3 HEZ Y . -11.11 14.85 29.22
C4 HEZ Y . -12.21 15.84 28.86
C5 HEZ Y . -13.40 15.71 29.81
C6 HEZ Y . -14.49 16.75 29.53
O6 HEZ Y . -15.40 16.87 30.63
O1 HEZ Z . -0.68 -10.02 14.79
C1 HEZ Z . -0.60 -9.81 13.35
C2 HEZ Z . -1.94 -9.31 12.87
C3 HEZ Z . -1.94 -8.57 11.53
C4 HEZ Z . -2.30 -7.09 11.69
C5 HEZ Z . -3.34 -6.53 10.72
C6 HEZ Z . -4.70 -6.56 11.38
O6 HEZ Z . -5.77 -6.01 10.61
C1 GOL AA . -7.93 6.15 9.77
O1 GOL AA . -6.97 5.35 10.48
C2 GOL AA . -8.49 5.43 8.53
O2 GOL AA . -8.42 6.28 7.38
C3 GOL AA . -7.72 4.15 8.23
O3 GOL AA . -6.33 4.38 7.92
C1 GOL BA . -13.34 -9.47 26.30
O1 GOL BA . -14.16 -8.31 26.13
C2 GOL BA . -12.53 -9.69 25.01
O2 GOL BA . -12.70 -11.04 24.54
C3 GOL BA . -11.06 -9.42 25.27
O3 GOL BA . -10.36 -9.42 24.02
C1 GOL CA . -37.00 6.75 33.80
O1 GOL CA . -38.32 7.17 34.20
C2 GOL CA . -36.61 7.39 32.46
O2 GOL CA . -37.81 7.76 31.75
C3 GOL CA . -35.73 8.63 32.60
O3 GOL CA . -34.71 8.43 33.59
#